data_3VXR
#
_entry.id   3VXR
#
_cell.length_a   221.447
_cell.length_b   47.740
_cell.length_c   113.994
_cell.angle_alpha   90.00
_cell.angle_beta   119.91
_cell.angle_gamma   90.00
#
_symmetry.space_group_name_H-M   'C 1 2 1'
#
loop_
_entity.id
_entity.type
_entity.pdbx_description
1 polymer 'HLA class I histocompatibility antigen, A-24 alpha chain'
2 polymer Beta-2-microglobulin
3 polymer 'H27-14 TCR alpha chain'
4 polymer 'H27-14 TCR beta chain'
5 polymer '10-mer peptide from Protein Nef'
6 water water
#
loop_
_entity_poly.entity_id
_entity_poly.type
_entity_poly.pdbx_seq_one_letter_code
_entity_poly.pdbx_strand_id
1 'polypeptide(L)'
;MGSHSMRYFSTSVSRPGRGEPRFIAVGYVDDTQFVRFDSDAASQRMEPRAPWIEQEGPEYWDEETGKVKAHSQTDRENLR
IALRYYNQSEAGSHTLQMMFGCDVGSDGRFLRGYHQYAYDGKDYIALKEDLRSWTAADMAAQITKRKWEAAHVAEQQRAY
LEGTCVDGLRRYLENGKETLQRTDPPKTHMTHHPISDHEATLRCWALGFYPAEITLTWQRDGEDQTQDTELVETRPAGDG
TFQKWAAVVVPSGEEQRYTCHVQHEGLPKPLTLRW
;
A
2 'polypeptide(L)'
;MIQRTPKIQVYSRHPAENGKSNFLNCYVSGFHPSDIEVDLLKNGERIEKVEHSDLSFSKDWSFYLLYYTEFTPTEKDEYA
CRVNHVTLSQPKIVKWDRDM
;
B
3 'polypeptide(L)'
;MKQEVTQIPAALSVPEGENLVLNCSFTDSAIYNLQWFRQDPGKGLTSLLLIQSSQREQTSGRLNASLDKSSGRSTLYIAA
SQPGDSATYLCAVRMDSSYKLIFGSGTRLLVRPDIQNPDPAVYQLRDSKSSDKSVCLFTDFDSQTNVSQSKDSDVYITDK
CVLDMRSMDFKSNSAVAWSNKSDFACANAFNNSIIPEDTFFPSPESS
;
D
4 'polypeptide(L)'
;MDTGVSQNPRHKITKRGQNVTFRCDPISEHNRLYWYRQTLGQGPEFLTYFQNEAQLEKSRLLSDRFSAERPKGSFSTLEI
QRTEQGDSAMYLCASSSWDTGELFFGEGSRLTVLEDLKNVFPPEVAVFEPSEAEISHTQKATLVCLATGFYPDHVELSWW
VNGKEVHSGVCTDPQPLKEQPALNDSRYALSSRLRVSATFWQNPRNHFRCQVQFYGLSENDEWTQDRAKPVTQIVSAEAW
GRAD
;
E
5 'polypeptide(L)' RYPLTFGWCF C
#
# COMPACT_ATOMS: atom_id res chain seq x y z
N GLY A 2 0.17 19.39 30.41
CA GLY A 2 1.48 19.72 29.78
C GLY A 2 1.55 19.16 28.36
N SER A 3 2.78 18.93 27.89
CA SER A 3 2.99 18.34 26.57
C SER A 3 3.03 16.81 26.64
N HIS A 4 2.97 16.14 25.49
CA HIS A 4 2.82 14.67 25.44
C HIS A 4 3.58 14.07 24.29
N SER A 5 3.76 12.74 24.35
CA SER A 5 4.47 12.03 23.30
C SER A 5 3.75 10.76 22.86
N MET A 6 4.00 10.34 21.63
CA MET A 6 3.72 8.97 21.20
C MET A 6 5.01 8.41 20.58
N ARG A 7 5.43 7.25 21.05
CA ARG A 7 6.61 6.59 20.50
C ARG A 7 6.29 5.16 20.12
N TYR A 8 6.96 4.67 19.09
CA TYR A 8 7.00 3.24 18.80
C TYR A 8 8.46 2.79 18.78
N PHE A 9 8.72 1.64 19.40
CA PHE A 9 10.06 1.06 19.48
C PHE A 9 10.02 -0.32 18.87
N SER A 10 10.88 -0.58 17.89
CA SER A 10 10.88 -1.89 17.25
C SER A 10 12.23 -2.59 17.37
N THR A 11 12.21 -3.92 17.43
CA THR A 11 13.42 -4.70 17.55
C THR A 11 13.36 -5.93 16.66
N SER A 12 14.21 -5.97 15.64
CA SER A 12 14.38 -7.18 14.84
C SER A 12 15.70 -7.88 15.17
N VAL A 13 15.62 -9.18 15.41
CA VAL A 13 16.80 -9.96 15.70
C VAL A 13 16.84 -11.13 14.74
N SER A 14 17.86 -11.13 13.87
CA SER A 14 18.04 -12.22 12.92
C SER A 14 18.56 -13.46 13.63
N ARG A 15 18.20 -14.62 13.09
CA ARG A 15 18.63 -15.91 13.61
C ARG A 15 18.84 -16.87 12.43
N PRO A 16 19.99 -16.77 11.76
CA PRO A 16 20.25 -17.58 10.57
C PRO A 16 20.16 -19.09 10.84
N GLY A 17 19.48 -19.80 9.96
CA GLY A 17 19.30 -21.24 10.09
C GLY A 17 18.13 -21.69 10.95
N ARG A 18 17.50 -20.73 11.63
CA ARG A 18 16.36 -21.02 12.51
C ARG A 18 15.11 -20.17 12.19
N GLY A 19 14.91 -19.87 10.91
CA GLY A 19 13.72 -19.13 10.47
C GLY A 19 13.97 -17.66 10.17
N GLU A 20 12.92 -16.85 10.23
CA GLU A 20 13.03 -15.43 9.92
C GLU A 20 13.30 -14.60 11.19
N PRO A 21 13.81 -13.36 11.03
CA PRO A 21 14.05 -12.51 12.18
C PRO A 21 12.84 -12.43 13.12
N ARG A 22 13.10 -12.36 14.42
CA ARG A 22 12.04 -12.09 15.36
C ARG A 22 11.86 -10.59 15.42
N PHE A 23 10.62 -10.14 15.21
CA PHE A 23 10.30 -8.73 15.21
C PHE A 23 9.36 -8.43 16.36
N ILE A 24 9.70 -7.43 17.16
CA ILE A 24 8.87 -7.01 18.27
C ILE A 24 8.70 -5.51 18.17
N ALA A 25 7.46 -5.03 18.25
CA ALA A 25 7.20 -3.60 18.31
C ALA A 25 6.28 -3.26 19.46
N VAL A 26 6.56 -2.14 20.12
CA VAL A 26 5.71 -1.62 21.19
C VAL A 26 5.38 -0.15 20.96
N GLY A 27 4.16 0.24 21.31
CA GLY A 27 3.75 1.63 21.25
C GLY A 27 3.54 2.17 22.64
N TYR A 28 3.82 3.46 22.79
CA TYR A 28 3.72 4.15 24.06
C TYR A 28 3.00 5.47 23.86
N VAL A 29 2.27 5.91 24.87
CA VAL A 29 1.81 7.28 24.95
C VAL A 29 2.35 7.80 26.27
N ASP A 30 3.10 8.90 26.21
CA ASP A 30 3.87 9.36 27.37
C ASP A 30 4.57 8.15 27.99
N ASP A 31 4.26 7.85 29.26
CA ASP A 31 4.89 6.72 29.95
C ASP A 31 4.09 5.42 29.92
N THR A 32 2.93 5.43 29.28
CA THR A 32 2.03 4.29 29.29
C THR A 32 2.07 3.48 27.99
N GLN A 33 2.38 2.20 28.10
CA GLN A 33 2.39 1.30 26.96
C GLN A 33 0.97 0.93 26.55
N PHE A 34 0.66 0.95 25.26
CA PHE A 34 -0.69 0.67 24.80
C PHE A 34 -0.88 -0.43 23.75
N VAL A 35 0.18 -0.78 23.01
CA VAL A 35 0.11 -1.86 22.00
C VAL A 35 1.40 -2.66 21.93
N ARG A 36 1.33 -3.84 21.33
CA ARG A 36 2.51 -4.67 21.10
C ARG A 36 2.26 -5.60 19.93
N PHE A 37 3.35 -5.98 19.25
CA PHE A 37 3.31 -7.03 18.25
C PHE A 37 4.55 -7.88 18.40
N ASP A 38 4.38 -9.20 18.29
CA ASP A 38 5.49 -10.13 18.44
C ASP A 38 5.34 -11.19 17.37
N SER A 39 6.29 -11.23 16.44
CA SER A 39 6.21 -12.15 15.31
C SER A 39 6.36 -13.62 15.70
N ASP A 40 6.78 -13.90 16.93
CA ASP A 40 6.85 -15.29 17.39
C ASP A 40 5.57 -15.72 18.11
N ALA A 41 4.74 -14.75 18.53
CA ALA A 41 3.52 -15.07 19.25
C ALA A 41 2.44 -15.60 18.30
N ALA A 42 1.54 -16.40 18.85
CA ALA A 42 0.54 -17.14 18.06
C ALA A 42 -0.52 -16.28 17.35
N SER A 43 -0.89 -15.14 17.95
CA SER A 43 -1.98 -14.34 17.40
C SER A 43 -1.71 -13.75 16.01
N GLN A 44 -0.44 -13.45 15.73
CA GLN A 44 -0.04 -12.66 14.55
C GLN A 44 -0.81 -11.33 14.42
N ARG A 45 -1.25 -10.80 15.57
CA ARG A 45 -2.00 -9.56 15.61
C ARG A 45 -1.32 -8.51 16.46
N MET A 46 -1.49 -7.25 16.11
CA MET A 46 -1.21 -6.16 17.04
C MET A 46 -2.18 -6.33 18.19
N GLU A 47 -1.70 -6.14 19.42
CA GLU A 47 -2.53 -6.39 20.61
C GLU A 47 -2.58 -5.22 21.59
N PRO A 48 -3.72 -5.04 22.28
CA PRO A 48 -3.88 -4.00 23.31
C PRO A 48 -3.07 -4.25 24.57
N ARG A 49 -2.50 -3.19 25.12
CA ARG A 49 -1.72 -3.28 26.35
C ARG A 49 -2.15 -2.21 27.38
N ALA A 50 -3.12 -1.39 27.01
CA ALA A 50 -3.71 -0.41 27.92
C ALA A 50 -5.24 -0.42 27.76
N PRO A 51 -5.98 -0.14 28.84
CA PRO A 51 -7.44 -0.30 28.73
C PRO A 51 -8.11 0.67 27.74
N TRP A 52 -7.59 1.89 27.63
CA TRP A 52 -8.22 2.90 26.79
C TRP A 52 -8.16 2.63 25.31
N ILE A 53 -7.17 1.85 24.88
CA ILE A 53 -7.07 1.48 23.47
C ILE A 53 -8.02 0.33 23.10
N GLU A 54 -8.60 -0.30 24.12
CA GLU A 54 -9.58 -1.39 23.91
C GLU A 54 -10.86 -0.89 23.20
N GLN A 55 -11.10 0.41 23.29
CA GLN A 55 -12.21 1.08 22.61
C GLN A 55 -12.16 0.96 21.09
N GLU A 56 -10.97 0.78 20.53
CA GLU A 56 -10.82 0.80 19.08
C GLU A 56 -11.51 -0.38 18.41
N GLY A 57 -12.16 -0.11 17.27
CA GLY A 57 -12.95 -1.11 16.55
C GLY A 57 -12.13 -2.13 15.78
N PRO A 58 -12.78 -3.19 15.28
CA PRO A 58 -12.09 -4.29 14.59
C PRO A 58 -11.24 -3.84 13.41
N GLU A 59 -11.65 -2.77 12.73
CA GLU A 59 -10.86 -2.29 11.60
C GLU A 59 -9.54 -1.66 12.04
N TYR A 60 -9.55 -0.95 13.18
CA TYR A 60 -8.30 -0.40 13.73
C TYR A 60 -7.28 -1.52 13.99
N TRP A 61 -7.74 -2.62 14.59
CA TRP A 61 -6.87 -3.77 14.85
C TRP A 61 -6.37 -4.45 13.60
N ASP A 62 -7.20 -4.51 12.55
CA ASP A 62 -6.73 -5.03 11.26
C ASP A 62 -5.70 -4.08 10.64
N GLU A 63 -6.02 -2.79 10.66
CA GLU A 63 -5.17 -1.76 10.07
C GLU A 63 -3.80 -1.74 10.73
N GLU A 64 -3.79 -1.69 12.05
CA GLU A 64 -2.53 -1.66 12.77
C GLU A 64 -1.77 -2.97 12.58
N THR A 65 -2.50 -4.10 12.54
CA THR A 65 -1.88 -5.41 12.30
C THR A 65 -1.13 -5.44 10.97
N GLY A 66 -1.82 -5.03 9.90
CA GLY A 66 -1.22 -5.00 8.57
C GLY A 66 -0.05 -4.05 8.45
N LYS A 67 -0.11 -2.92 9.12
CA LYS A 67 1.00 -1.95 9.08
C LYS A 67 2.23 -2.44 9.85
N VAL A 68 2.02 -3.02 11.03
CA VAL A 68 3.16 -3.52 11.82
C VAL A 68 3.83 -4.76 11.17
N LYS A 69 3.03 -5.63 10.56
CA LYS A 69 3.55 -6.75 9.77
C LYS A 69 4.32 -6.29 8.53
N ALA A 70 3.93 -5.15 7.96
CA ALA A 70 4.70 -4.54 6.87
C ALA A 70 6.06 -4.04 7.36
N HIS A 71 6.07 -3.43 8.54
CA HIS A 71 7.32 -3.00 9.17
C HIS A 71 8.21 -4.19 9.42
N SER A 72 7.63 -5.24 9.98
CA SER A 72 8.26 -6.56 10.11
C SER A 72 9.03 -6.94 8.84
N GLN A 73 8.35 -6.87 7.70
CA GLN A 73 8.95 -7.18 6.41
C GLN A 73 10.05 -6.22 5.99
N THR A 74 9.80 -4.92 6.19
CA THR A 74 10.76 -3.88 5.87
C THR A 74 12.09 -4.07 6.60
N ASP A 75 12.01 -4.32 7.90
CA ASP A 75 13.23 -4.53 8.68
C ASP A 75 13.91 -5.89 8.40
N ARG A 76 13.13 -6.88 7.99
CA ARG A 76 13.70 -8.14 7.53
C ARG A 76 14.62 -7.91 6.33
N GLU A 77 14.19 -7.07 5.38
CA GLU A 77 15.02 -6.69 4.24
C GLU A 77 16.16 -5.76 4.61
N ASN A 78 15.90 -4.82 5.52
CA ASN A 78 16.94 -3.89 5.95
C ASN A 78 18.13 -4.57 6.65
N LEU A 79 17.85 -5.65 7.37
CA LEU A 79 18.90 -6.49 7.96
C LEU A 79 19.83 -7.12 6.92
N ARG A 80 19.24 -7.66 5.85
CA ARG A 80 19.97 -8.26 4.74
C ARG A 80 20.85 -7.24 4.01
N ILE A 81 20.30 -6.06 3.76
CA ILE A 81 21.05 -4.96 3.18
C ILE A 81 22.23 -4.63 4.10
N ALA A 82 21.94 -4.34 5.36
CA ALA A 82 22.95 -4.05 6.38
C ALA A 82 24.13 -5.03 6.34
N LEU A 83 23.83 -6.32 6.28
CA LEU A 83 24.85 -7.37 6.16
C LEU A 83 25.80 -7.13 5.00
N ARG A 84 25.27 -6.71 3.87
CA ARG A 84 26.07 -6.47 2.69
C ARG A 84 26.90 -5.21 2.85
N TYR A 85 26.27 -4.17 3.39
CA TYR A 85 26.94 -2.88 3.60
C TYR A 85 28.18 -3.03 4.50
N TYR A 86 28.01 -3.77 5.60
CA TYR A 86 29.09 -4.02 6.55
C TYR A 86 29.87 -5.28 6.23
N ASN A 87 29.53 -5.94 5.10
CA ASN A 87 30.21 -7.15 4.65
C ASN A 87 30.35 -8.19 5.77
N GLN A 88 29.26 -8.44 6.47
CA GLN A 88 29.25 -9.42 7.56
C GLN A 88 28.81 -10.79 7.06
N SER A 89 29.10 -11.84 7.82
CA SER A 89 28.81 -13.20 7.40
C SER A 89 27.35 -13.55 7.64
N GLU A 90 26.83 -14.47 6.84
CA GLU A 90 25.44 -14.91 6.98
C GLU A 90 25.20 -15.79 8.22
N ALA A 91 26.21 -15.91 9.07
CA ALA A 91 26.14 -16.81 10.22
C ALA A 91 25.57 -16.16 11.48
N GLY A 92 26.02 -14.94 11.78
CA GLY A 92 25.71 -14.32 13.05
C GLY A 92 24.37 -13.61 13.16
N SER A 93 23.89 -13.50 14.40
CA SER A 93 22.70 -12.76 14.73
C SER A 93 23.02 -11.26 14.80
N HIS A 94 22.13 -10.44 14.22
CA HIS A 94 22.23 -8.98 14.31
C HIS A 94 20.91 -8.38 14.67
N THR A 95 20.96 -7.14 15.13
CA THR A 95 19.79 -6.45 15.66
C THR A 95 19.58 -5.16 14.92
N LEU A 96 18.37 -4.96 14.42
CA LEU A 96 17.95 -3.69 13.84
C LEU A 96 16.85 -3.09 14.68
N GLN A 97 17.11 -1.90 15.20
CA GLN A 97 16.22 -1.22 16.10
C GLN A 97 15.78 0.10 15.49
N MET A 98 14.53 0.46 15.75
CA MET A 98 13.99 1.69 15.24
C MET A 98 13.15 2.36 16.31
N MET A 99 13.13 3.68 16.28
CA MET A 99 12.29 4.47 17.15
C MET A 99 11.73 5.59 16.31
N PHE A 100 10.45 5.88 16.49
CA PHE A 100 9.78 7.00 15.84
C PHE A 100 8.54 7.43 16.62
N GLY A 101 8.14 8.67 16.43
CA GLY A 101 6.96 9.20 17.09
C GLY A 101 7.01 10.71 17.15
N CYS A 102 6.04 11.29 17.82
CA CYS A 102 5.88 12.74 17.82
C CYS A 102 5.52 13.24 19.21
N ASP A 103 5.83 14.51 19.47
CA ASP A 103 5.41 15.19 20.70
C ASP A 103 4.41 16.27 20.34
N VAL A 104 3.42 16.49 21.21
CA VAL A 104 2.52 17.63 21.06
C VAL A 104 2.50 18.48 22.33
N GLY A 105 2.25 19.78 22.18
CA GLY A 105 2.11 20.68 23.32
C GLY A 105 0.73 20.56 23.94
N SER A 106 0.50 21.30 25.03
CA SER A 106 -0.79 21.29 25.75
C SER A 106 -2.00 21.68 24.88
N ASP A 107 -1.76 22.61 23.94
CA ASP A 107 -2.78 22.99 22.96
C ASP A 107 -3.11 21.83 22.01
N GLY A 108 -2.23 20.84 21.95
CA GLY A 108 -2.37 19.71 21.03
C GLY A 108 -1.58 19.90 19.74
N ARG A 109 -0.82 20.98 19.66
CA ARG A 109 -0.04 21.28 18.45
C ARG A 109 1.30 20.54 18.41
N PHE A 110 1.70 20.19 17.20
CA PHE A 110 2.96 19.48 16.94
C PHE A 110 4.16 20.24 17.51
N LEU A 111 4.97 19.55 18.30
CA LEU A 111 6.21 20.12 18.82
C LEU A 111 7.44 19.59 18.12
N ARG A 112 7.62 18.26 18.13
CA ARG A 112 8.77 17.62 17.51
C ARG A 112 8.45 16.22 16.98
N GLY A 113 9.23 15.75 16.01
CA GLY A 113 9.07 14.40 15.45
C GLY A 113 10.39 13.65 15.47
N TYR A 114 10.31 12.32 15.46
CA TYR A 114 11.51 11.48 15.52
C TYR A 114 11.36 10.31 14.55
N HIS A 115 12.49 9.89 13.96
CA HIS A 115 12.55 8.77 13.02
C HIS A 115 13.99 8.36 12.87
N GLN A 116 14.39 7.31 13.59
CA GLN A 116 15.81 6.91 13.68
C GLN A 116 16.03 5.40 13.75
N TYR A 117 17.21 4.97 13.33
CA TYR A 117 17.58 3.56 13.27
C TYR A 117 18.84 3.25 14.09
N ALA A 118 18.94 2.01 14.57
CA ALA A 118 20.18 1.51 15.15
C ALA A 118 20.48 0.10 14.66
N TYR A 119 21.76 -0.18 14.43
CA TYR A 119 22.20 -1.49 14.01
C TYR A 119 23.23 -2.02 14.99
N ASP A 120 23.01 -3.21 15.53
CA ASP A 120 23.85 -3.78 16.59
C ASP A 120 24.17 -2.78 17.72
N GLY A 121 23.14 -2.11 18.21
CA GLY A 121 23.27 -1.18 19.34
C GLY A 121 23.86 0.18 19.05
N LYS A 122 24.26 0.41 17.80
CA LYS A 122 24.85 1.69 17.39
C LYS A 122 23.90 2.45 16.48
N ASP A 123 23.90 3.78 16.61
CA ASP A 123 23.16 4.66 15.70
C ASP A 123 23.49 4.27 14.27
N TYR A 124 22.48 4.29 13.40
CA TYR A 124 22.72 4.06 11.98
C TYR A 124 22.38 5.32 11.20
N ILE A 125 21.11 5.68 11.19
CA ILE A 125 20.65 6.89 10.55
C ILE A 125 19.52 7.50 11.35
N ALA A 126 19.39 8.82 11.25
CA ALA A 126 18.39 9.55 12.01
C ALA A 126 17.90 10.75 11.23
N LEU A 127 16.59 10.98 11.28
CA LEU A 127 16.00 12.17 10.72
C LEU A 127 16.39 13.34 11.61
N LYS A 128 16.81 14.45 11.01
CA LYS A 128 17.20 15.60 11.80
C LYS A 128 15.96 16.38 12.23
N GLU A 129 16.11 17.21 13.26
CA GLU A 129 14.98 17.90 13.88
C GLU A 129 14.12 18.64 12.87
N ASP A 130 14.75 19.26 11.87
CA ASP A 130 14.03 19.97 10.81
C ASP A 130 13.18 19.04 9.91
N LEU A 131 13.23 17.74 10.20
CA LEU A 131 12.46 16.71 9.47
C LEU A 131 12.62 16.78 7.94
N ARG A 132 13.76 17.29 7.51
CA ARG A 132 14.03 17.50 6.08
C ARG A 132 15.37 16.91 5.68
N SER A 133 16.21 16.61 6.67
CA SER A 133 17.56 16.11 6.42
C SER A 133 17.97 14.95 7.36
N TRP A 134 19.08 14.30 7.05
CA TRP A 134 19.51 13.07 7.72
C TRP A 134 20.89 13.12 8.29
N THR A 135 21.13 12.30 9.32
CA THR A 135 22.45 12.09 9.93
C THR A 135 22.84 10.60 9.85
N ALA A 136 23.88 10.32 9.08
CA ALA A 136 24.45 8.98 8.99
C ALA A 136 25.61 8.84 9.97
N ALA A 137 25.67 7.73 10.68
CA ALA A 137 26.73 7.53 11.68
C ALA A 137 28.01 6.90 11.13
N ASP A 138 27.93 6.27 9.96
CA ASP A 138 29.11 5.67 9.33
C ASP A 138 28.99 5.55 7.81
N MET A 139 30.00 4.95 7.18
CA MET A 139 30.10 4.82 5.73
C MET A 139 28.93 4.04 5.13
N ALA A 140 28.59 2.93 5.78
CA ALA A 140 27.41 2.15 5.40
C ALA A 140 26.15 3.01 5.42
N ALA A 141 25.92 3.69 6.53
CA ALA A 141 24.74 4.54 6.69
C ALA A 141 24.71 5.69 5.69
N GLN A 142 25.87 6.05 5.16
CA GLN A 142 25.97 7.18 4.24
C GLN A 142 25.38 6.83 2.87
N ILE A 143 25.55 5.57 2.47
CA ILE A 143 24.87 5.04 1.29
C ILE A 143 23.35 5.26 1.42
N THR A 144 22.78 4.77 2.53
CA THR A 144 21.35 4.92 2.83
C THR A 144 20.91 6.38 2.82
N LYS A 145 21.70 7.26 3.44
CA LYS A 145 21.40 8.69 3.47
C LYS A 145 21.22 9.24 2.05
N ARG A 146 22.15 8.92 1.16
CA ARG A 146 22.11 9.41 -0.22
C ARG A 146 20.91 8.88 -1.00
N LYS A 147 20.65 7.59 -0.84
CA LYS A 147 19.46 6.93 -1.36
C LYS A 147 18.23 7.74 -0.96
N TRP A 148 18.09 8.01 0.34
CA TRP A 148 16.92 8.72 0.86
C TRP A 148 16.84 10.17 0.44
N GLU A 149 17.97 10.83 0.29
CA GLU A 149 17.98 12.21 -0.17
C GLU A 149 17.56 12.31 -1.64
N ALA A 150 18.13 11.46 -2.47
CA ALA A 150 17.80 11.43 -3.91
C ALA A 150 16.32 11.18 -4.14
N ALA A 151 15.75 10.23 -3.39
CA ALA A 151 14.32 9.88 -3.50
C ALA A 151 13.39 10.80 -2.70
N HIS A 152 13.94 11.82 -2.03
CA HIS A 152 13.15 12.78 -1.23
C HIS A 152 12.20 12.08 -0.28
N VAL A 153 12.73 11.11 0.43
CA VAL A 153 11.95 10.25 1.32
C VAL A 153 11.47 10.98 2.59
N ALA A 154 12.23 11.99 3.01
CA ALA A 154 11.93 12.77 4.21
C ALA A 154 10.52 13.37 4.22
N GLU A 155 10.05 13.81 3.07
CA GLU A 155 8.74 14.45 2.95
C GLU A 155 7.60 13.55 3.45
N GLN A 156 7.61 12.30 3.01
CA GLN A 156 6.62 11.32 3.43
C GLN A 156 6.70 11.04 4.94
N GLN A 157 7.92 11.05 5.47
CA GLN A 157 8.15 10.86 6.89
C GLN A 157 7.64 12.04 7.72
N ARG A 158 8.00 13.25 7.32
CA ARG A 158 7.51 14.48 7.97
C ARG A 158 5.98 14.56 7.92
N ALA A 159 5.39 14.08 6.83
CA ALA A 159 3.94 14.08 6.66
C ALA A 159 3.31 13.18 7.70
N TYR A 160 3.90 12.01 7.92
CA TYR A 160 3.39 11.13 8.94
C TYR A 160 3.51 11.76 10.33
N LEU A 161 4.69 12.27 10.64
CA LEU A 161 5.01 12.85 11.95
C LEU A 161 4.15 14.06 12.30
N GLU A 162 3.93 14.93 11.32
CA GLU A 162 3.16 16.14 11.54
C GLU A 162 1.64 15.95 11.39
N GLY A 163 1.22 14.80 10.87
CA GLY A 163 -0.21 14.55 10.63
C GLY A 163 -0.76 13.34 11.36
N THR A 164 -0.70 12.20 10.70
CA THR A 164 -1.17 10.93 11.25
C THR A 164 -0.74 10.71 12.71
N CYS A 165 0.55 10.94 12.98
CA CYS A 165 1.09 10.79 14.32
C CYS A 165 0.40 11.71 15.31
N VAL A 166 0.24 12.99 14.94
CA VAL A 166 -0.35 13.97 15.82
C VAL A 166 -1.83 13.68 16.05
N ASP A 167 -2.55 13.35 14.98
CA ASP A 167 -3.98 13.04 15.06
C ASP A 167 -4.22 11.81 15.93
N GLY A 168 -3.32 10.83 15.84
CA GLY A 168 -3.40 9.62 16.64
C GLY A 168 -3.17 9.93 18.11
N LEU A 169 -2.09 10.64 18.39
CA LEU A 169 -1.75 10.99 19.76
C LEU A 169 -2.90 11.77 20.40
N ARG A 170 -3.30 12.86 19.74
CA ARG A 170 -4.43 13.68 20.15
C ARG A 170 -5.66 12.83 20.50
N ARG A 171 -5.98 11.86 19.64
CA ARG A 171 -7.12 10.97 19.83
C ARG A 171 -6.98 10.09 21.08
N TYR A 172 -5.82 9.45 21.22
CA TYR A 172 -5.52 8.60 22.37
C TYR A 172 -5.57 9.38 23.68
N LEU A 173 -5.09 10.63 23.64
CA LEU A 173 -5.08 11.48 24.83
C LEU A 173 -6.50 11.78 25.31
N GLU A 174 -7.42 12.02 24.38
CA GLU A 174 -8.82 12.21 24.75
C GLU A 174 -9.47 10.90 25.21
N ASN A 175 -9.31 9.83 24.42
CA ASN A 175 -9.90 8.54 24.76
C ASN A 175 -9.41 8.02 26.11
N GLY A 176 -8.19 8.37 26.47
CA GLY A 176 -7.61 7.91 27.72
C GLY A 176 -7.27 9.01 28.70
N LYS A 177 -8.02 10.11 28.67
CA LYS A 177 -7.75 11.25 29.55
C LYS A 177 -7.79 10.90 31.03
N GLU A 178 -8.71 10.01 31.40
CA GLU A 178 -8.87 9.60 32.78
C GLU A 178 -7.60 8.99 33.39
N THR A 179 -6.73 8.45 32.53
CA THR A 179 -5.45 7.91 32.98
C THR A 179 -4.25 8.67 32.42
N LEU A 180 -4.21 8.88 31.11
CA LEU A 180 -3.09 9.56 30.45
C LEU A 180 -2.93 11.01 30.90
N GLN A 181 -4.05 11.65 31.23
CA GLN A 181 -4.01 13.02 31.71
C GLN A 181 -4.26 13.06 33.21
N ARG A 182 -4.14 11.90 33.86
CA ARG A 182 -4.15 11.83 35.32
C ARG A 182 -2.77 12.21 35.81
N THR A 183 -2.69 12.70 37.03
CA THR A 183 -1.44 12.88 37.70
C THR A 183 -1.50 12.00 38.95
N ASP A 184 -0.40 11.32 39.26
CA ASP A 184 -0.30 10.50 40.46
C ASP A 184 0.89 10.95 41.29
N PRO A 185 0.63 11.53 42.46
CA PRO A 185 1.72 12.08 43.26
C PRO A 185 2.54 10.98 43.94
N PRO A 186 3.87 11.17 44.02
CA PRO A 186 4.73 10.25 44.75
C PRO A 186 4.33 10.16 46.20
N LYS A 187 4.28 8.94 46.72
CA LYS A 187 4.17 8.69 48.15
C LYS A 187 5.58 8.51 48.67
N THR A 188 5.99 9.36 49.60
CA THR A 188 7.38 9.40 50.06
C THR A 188 7.60 8.82 51.46
N HIS A 189 8.81 8.29 51.69
CA HIS A 189 9.31 7.91 53.03
C HIS A 189 10.81 7.77 53.00
N MET A 190 11.42 7.41 54.14
CA MET A 190 12.88 7.35 54.24
C MET A 190 13.38 6.11 54.98
N THR A 191 14.48 5.53 54.50
CA THR A 191 15.16 4.46 55.22
C THR A 191 16.55 4.92 55.66
N HIS A 192 17.12 4.17 56.59
CA HIS A 192 18.39 4.51 57.23
C HIS A 192 19.21 3.26 57.43
N HIS A 193 20.47 3.29 57.01
CA HIS A 193 21.33 2.09 57.07
C HIS A 193 22.76 2.38 57.48
N PRO A 194 23.34 1.48 58.31
CA PRO A 194 24.69 1.60 58.92
C PRO A 194 25.85 2.05 58.02
N ILE A 195 26.30 1.22 57.09
CA ILE A 195 27.53 1.50 56.27
C ILE A 195 28.87 1.28 57.00
N SER A 196 29.05 1.91 58.17
CA SER A 196 30.32 1.82 58.91
C SER A 196 30.26 2.46 60.30
N ASP A 197 31.43 2.50 60.94
CA ASP A 197 31.65 3.15 62.23
C ASP A 197 31.37 4.65 62.27
N HIS A 198 31.52 5.31 61.12
CA HIS A 198 31.47 6.77 61.08
C HIS A 198 30.26 7.31 60.38
N GLU A 199 29.76 6.55 59.41
CA GLU A 199 28.73 7.07 58.54
C GLU A 199 27.57 6.11 58.34
N ALA A 200 26.38 6.68 58.11
CA ALA A 200 25.20 5.92 57.72
C ALA A 200 24.71 6.40 56.35
N THR A 201 23.83 5.64 55.72
CA THR A 201 23.17 6.09 54.48
C THR A 201 21.71 6.43 54.69
N LEU A 202 21.29 7.56 54.13
CA LEU A 202 19.88 7.93 54.13
C LEU A 202 19.32 7.69 52.73
N ARG A 203 18.22 6.93 52.66
CA ARG A 203 17.57 6.68 51.38
C ARG A 203 16.19 7.32 51.34
N CYS A 204 15.98 8.16 50.33
CA CYS A 204 14.72 8.84 50.12
C CYS A 204 13.92 8.13 49.04
N TRP A 205 12.68 7.79 49.34
CA TRP A 205 11.87 6.99 48.45
C TRP A 205 10.73 7.77 47.86
N ALA A 206 10.56 7.65 46.55
CA ALA A 206 9.36 8.15 45.87
C ALA A 206 8.65 6.97 45.20
N LEU A 207 7.39 6.76 45.61
CA LEU A 207 6.62 5.59 45.16
C LEU A 207 5.25 5.91 44.53
N GLY A 208 4.84 5.07 43.59
CA GLY A 208 3.49 5.11 43.01
C GLY A 208 3.14 6.38 42.26
N PHE A 209 4.13 6.99 41.61
CA PHE A 209 3.91 8.23 40.88
C PHE A 209 3.81 8.04 39.37
N TYR A 210 2.93 8.83 38.74
CA TYR A 210 2.84 8.93 37.29
C TYR A 210 2.73 10.41 36.93
N PRO A 211 3.43 10.87 35.88
CA PRO A 211 4.38 10.22 34.96
C PRO A 211 5.77 9.98 35.58
N ALA A 212 6.64 9.30 34.84
CA ALA A 212 7.96 8.89 35.34
C ALA A 212 8.82 10.08 35.78
N GLU A 213 8.79 11.14 34.97
CA GLU A 213 9.53 12.36 35.26
C GLU A 213 9.44 12.75 36.74
N ILE A 214 10.58 12.73 37.41
CA ILE A 214 10.68 13.13 38.81
C ILE A 214 12.08 13.69 39.13
N THR A 215 12.15 14.61 40.09
CA THR A 215 13.44 15.10 40.57
C THR A 215 13.58 14.86 42.07
N LEU A 216 14.63 14.13 42.44
CA LEU A 216 14.99 13.91 43.84
C LEU A 216 16.37 14.50 44.13
N THR A 217 16.45 15.39 45.12
CA THR A 217 17.73 15.96 45.49
C THR A 217 17.95 15.99 47.00
N TRP A 218 19.18 15.76 47.40
CA TRP A 218 19.55 15.83 48.81
C TRP A 218 20.20 17.14 49.14
N GLN A 219 19.99 17.58 50.38
CA GLN A 219 20.65 18.77 50.90
C GLN A 219 21.26 18.52 52.28
N ARG A 220 22.36 19.19 52.57
CA ARG A 220 22.89 19.29 53.93
C ARG A 220 22.80 20.75 54.33
N ASP A 221 22.18 21.01 55.49
CA ASP A 221 21.96 22.37 55.98
C ASP A 221 21.47 23.31 54.89
N GLY A 222 20.46 22.87 54.14
CA GLY A 222 19.88 23.69 53.08
C GLY A 222 20.75 23.87 51.86
N GLU A 223 21.92 23.23 51.84
CA GLU A 223 22.79 23.24 50.67
C GLU A 223 22.79 21.87 50.02
N ASP A 224 22.50 21.82 48.72
CA ASP A 224 22.41 20.53 48.04
C ASP A 224 23.76 19.87 47.83
N GLN A 225 23.74 18.56 47.73
CA GLN A 225 24.94 17.77 47.62
C GLN A 225 24.80 16.70 46.56
N THR A 226 25.73 16.70 45.61
CA THR A 226 25.89 15.57 44.71
C THR A 226 27.07 14.71 45.15
N GLN A 227 27.91 15.27 46.02
CA GLN A 227 29.21 14.70 46.39
C GLN A 227 29.19 13.22 46.81
N ASP A 228 28.32 12.87 47.76
CA ASP A 228 28.17 11.47 48.18
C ASP A 228 26.74 11.00 47.94
N THR A 229 26.26 11.22 46.72
CA THR A 229 24.85 11.00 46.34
C THR A 229 24.70 9.88 45.31
N GLU A 230 23.71 9.01 45.53
CA GLU A 230 23.40 7.95 44.57
C GLU A 230 21.91 7.98 44.17
N LEU A 231 21.68 8.02 42.86
CA LEU A 231 20.36 8.19 42.30
C LEU A 231 20.04 7.03 41.34
N VAL A 232 19.27 6.04 41.78
CA VAL A 232 18.90 4.92 40.88
C VAL A 232 18.01 5.31 39.71
N GLU A 233 18.05 4.49 38.67
CA GLU A 233 17.09 4.52 37.57
C GLU A 233 15.67 4.46 38.09
N THR A 234 14.83 5.38 37.63
CA THR A 234 13.38 5.26 37.77
C THR A 234 12.94 3.91 37.18
N ARG A 235 12.07 3.22 37.91
CA ARG A 235 11.73 1.84 37.59
C ARG A 235 10.22 1.62 37.66
N PRO A 236 9.68 0.71 36.82
CA PRO A 236 8.25 0.42 36.79
C PRO A 236 7.80 -0.44 37.97
N ALA A 237 6.72 -0.04 38.62
CA ALA A 237 6.11 -0.80 39.71
C ALA A 237 5.35 -2.01 39.16
N GLY A 238 4.90 -1.89 37.90
CA GLY A 238 4.11 -2.94 37.27
C GLY A 238 2.62 -2.67 37.22
N ASP A 239 2.13 -1.69 37.98
CA ASP A 239 0.72 -1.32 37.95
C ASP A 239 0.49 -0.05 37.11
N GLY A 240 1.49 0.35 36.34
CA GLY A 240 1.41 1.57 35.55
C GLY A 240 2.05 2.78 36.21
N THR A 241 2.54 2.61 37.43
CA THR A 241 3.20 3.70 38.15
C THR A 241 4.68 3.40 38.31
N PHE A 242 5.43 4.39 38.81
CA PHE A 242 6.87 4.27 38.87
C PHE A 242 7.43 4.49 40.26
N GLN A 243 8.67 4.03 40.43
CA GLN A 243 9.39 4.12 41.68
C GLN A 243 10.79 4.64 41.46
N LYS A 244 11.34 5.33 42.46
CA LYS A 244 12.69 5.87 42.41
C LYS A 244 13.16 6.21 43.82
N TRP A 245 14.46 6.10 44.07
CA TRP A 245 15.02 6.55 45.34
C TRP A 245 16.30 7.32 45.17
N ALA A 246 16.62 8.14 46.16
CA ALA A 246 17.88 8.87 46.20
C ALA A 246 18.53 8.64 47.55
N ALA A 247 19.86 8.52 47.55
CA ALA A 247 20.59 8.19 48.76
C ALA A 247 21.80 9.08 48.96
N VAL A 248 22.07 9.39 50.23
CA VAL A 248 23.30 10.08 50.60
C VAL A 248 24.04 9.30 51.66
N VAL A 249 25.34 9.54 51.76
CA VAL A 249 26.13 9.02 52.85
C VAL A 249 26.45 10.16 53.81
N VAL A 250 26.07 9.99 55.07
CA VAL A 250 26.11 11.04 56.07
C VAL A 250 26.95 10.60 57.29
N PRO A 251 27.52 11.56 58.04
CA PRO A 251 28.17 11.15 59.28
C PRO A 251 27.13 10.67 60.31
N SER A 252 27.41 9.53 60.95
CA SER A 252 26.50 8.94 61.94
C SER A 252 26.23 9.90 63.09
N GLY A 253 24.96 10.15 63.36
CA GLY A 253 24.57 11.11 64.38
C GLY A 253 24.29 12.48 63.81
N GLU A 254 24.63 12.69 62.54
CA GLU A 254 24.34 13.95 61.85
C GLU A 254 23.25 13.85 60.79
N GLU A 255 22.36 12.87 60.94
CA GLU A 255 21.28 12.61 59.97
C GLU A 255 20.29 13.77 59.80
N GLN A 256 19.93 14.41 60.91
CA GLN A 256 18.98 15.54 60.91
C GLN A 256 19.50 16.74 60.13
N ARG A 257 20.80 16.74 59.80
CA ARG A 257 21.40 17.81 59.01
C ARG A 257 20.95 17.77 57.55
N TYR A 258 20.33 16.66 57.15
CA TYR A 258 20.01 16.41 55.76
C TYR A 258 18.52 16.48 55.45
N THR A 259 18.21 16.93 54.23
CA THR A 259 16.85 16.92 53.75
C THR A 259 16.78 16.42 52.31
N CYS A 260 15.70 15.72 51.99
CA CYS A 260 15.46 15.26 50.64
C CYS A 260 14.31 16.06 50.06
N HIS A 261 14.44 16.39 48.78
CA HIS A 261 13.46 17.23 48.09
C HIS A 261 12.93 16.49 46.90
N VAL A 262 11.61 16.50 46.77
CA VAL A 262 10.90 15.73 45.76
C VAL A 262 10.03 16.66 44.93
N GLN A 263 10.39 16.80 43.65
CA GLN A 263 9.60 17.58 42.70
C GLN A 263 8.98 16.65 41.67
N HIS A 264 7.74 16.96 41.30
CA HIS A 264 6.92 16.14 40.43
C HIS A 264 5.70 16.93 40.09
N GLU A 265 5.32 16.95 38.81
CA GLU A 265 4.18 17.76 38.38
C GLU A 265 2.85 17.36 39.04
N GLY A 266 2.83 16.23 39.75
CA GLY A 266 1.67 15.82 40.52
C GLY A 266 1.61 16.47 41.90
N LEU A 267 2.58 17.33 42.19
CA LEU A 267 2.69 17.94 43.51
C LEU A 267 2.32 19.42 43.48
N PRO A 268 1.29 19.81 44.25
CA PRO A 268 0.95 21.21 44.44
C PRO A 268 2.23 22.04 44.63
N LYS A 269 2.99 21.65 45.65
CA LYS A 269 4.29 22.23 45.99
C LYS A 269 5.23 21.09 46.31
N PRO A 270 6.54 21.24 46.03
CA PRO A 270 7.52 20.19 46.36
C PRO A 270 7.45 19.72 47.81
N LEU A 271 7.86 18.47 48.04
CA LEU A 271 7.89 17.92 49.40
C LEU A 271 9.32 17.90 49.91
N THR A 272 9.46 18.07 51.22
CA THR A 272 10.75 18.06 51.87
C THR A 272 10.71 17.06 53.03
N LEU A 273 11.65 16.13 53.05
CA LEU A 273 11.71 15.08 54.05
C LEU A 273 12.99 15.12 54.87
N ARG A 274 12.87 14.83 56.16
CA ARG A 274 14.02 14.65 57.06
C ARG A 274 13.89 13.36 57.86
N TRP A 275 15.02 12.75 58.18
CA TRP A 275 15.04 11.61 59.09
C TRP A 275 14.72 12.06 60.49
N MET B 1 29.56 -3.48 16.33
CA MET B 1 29.00 -4.42 17.35
C MET B 1 29.28 -3.95 18.78
N ILE B 2 28.36 -3.15 19.34
CA ILE B 2 28.47 -2.75 20.75
C ILE B 2 27.61 -3.66 21.65
N GLN B 3 28.20 -4.09 22.77
CA GLN B 3 27.49 -4.93 23.75
C GLN B 3 27.49 -4.25 25.12
N ARG B 4 26.39 -4.38 25.85
CA ARG B 4 26.21 -3.67 27.12
C ARG B 4 25.68 -4.55 28.26
N THR B 5 26.29 -4.41 29.45
CA THR B 5 25.98 -5.27 30.60
C THR B 5 24.67 -4.89 31.31
N PRO B 6 23.89 -5.91 31.75
CA PRO B 6 22.61 -5.65 32.42
C PRO B 6 22.72 -5.06 33.83
N LYS B 7 21.88 -4.06 34.09
CA LYS B 7 21.71 -3.49 35.42
C LYS B 7 20.44 -4.09 36.04
N ILE B 8 20.47 -4.36 37.33
CA ILE B 8 19.37 -5.07 37.98
C ILE B 8 18.83 -4.33 39.19
N GLN B 9 17.51 -4.29 39.30
CA GLN B 9 16.85 -3.94 40.56
C GLN B 9 15.80 -5.01 40.87
N VAL B 10 15.78 -5.48 42.12
CA VAL B 10 14.82 -6.47 42.60
C VAL B 10 13.99 -5.84 43.72
N TYR B 11 12.67 -5.87 43.58
CA TYR B 11 11.78 -5.14 44.50
C TYR B 11 10.32 -5.61 44.42
N SER B 12 9.52 -5.16 45.39
CA SER B 12 8.09 -5.46 45.38
C SER B 12 7.27 -4.30 44.79
N ARG B 13 6.14 -4.63 44.17
CA ARG B 13 5.24 -3.61 43.62
C ARG B 13 4.70 -2.69 44.70
N HIS B 14 4.16 -3.30 45.77
CA HIS B 14 3.65 -2.56 46.92
C HIS B 14 4.61 -2.79 48.04
N PRO B 15 4.58 -1.92 49.07
CA PRO B 15 5.51 -2.17 50.18
C PRO B 15 5.21 -3.53 50.84
N ALA B 16 6.26 -4.24 51.19
CA ALA B 16 6.16 -5.62 51.68
C ALA B 16 5.44 -5.67 53.02
N GLU B 17 4.63 -6.72 53.18
CA GLU B 17 3.92 -6.97 54.43
C GLU B 17 3.71 -8.48 54.57
N ASN B 18 4.36 -9.08 55.58
CA ASN B 18 4.27 -10.51 55.82
C ASN B 18 2.82 -11.02 55.76
N GLY B 19 2.59 -12.01 54.91
CA GLY B 19 1.27 -12.64 54.80
C GLY B 19 0.36 -11.99 53.77
N LYS B 20 0.75 -10.83 53.26
CA LYS B 20 -0.03 -10.09 52.26
C LYS B 20 0.52 -10.29 50.84
N SER B 21 -0.34 -10.76 49.94
CA SER B 21 0.03 -11.05 48.56
C SER B 21 0.54 -9.79 47.85
N ASN B 22 1.51 -9.96 46.95
CA ASN B 22 2.22 -8.83 46.37
C ASN B 22 2.69 -9.19 44.96
N PHE B 23 3.68 -8.46 44.46
CA PHE B 23 4.38 -8.84 43.25
C PHE B 23 5.87 -8.70 43.44
N LEU B 24 6.61 -9.72 43.00
CA LEU B 24 8.06 -9.67 42.98
C LEU B 24 8.54 -9.24 41.61
N ASN B 25 9.22 -8.10 41.57
CA ASN B 25 9.76 -7.51 40.35
C ASN B 25 11.26 -7.67 40.27
N CYS B 26 11.73 -7.98 39.06
CA CYS B 26 13.13 -7.83 38.71
C CYS B 26 13.15 -6.95 37.48
N TYR B 27 13.79 -5.79 37.61
CA TYR B 27 13.91 -4.87 36.51
C TYR B 27 15.31 -4.92 35.97
N VAL B 28 15.43 -5.30 34.72
CA VAL B 28 16.73 -5.48 34.10
C VAL B 28 16.83 -4.51 32.94
N SER B 29 17.94 -3.77 32.88
CA SER B 29 18.07 -2.69 31.92
C SER B 29 19.51 -2.42 31.48
N GLY B 30 19.66 -1.59 30.44
CA GLY B 30 20.95 -1.18 29.93
C GLY B 30 21.75 -2.26 29.21
N PHE B 31 21.09 -3.38 28.89
CA PHE B 31 21.79 -4.48 28.24
C PHE B 31 21.67 -4.49 26.71
N HIS B 32 22.56 -5.24 26.07
CA HIS B 32 22.57 -5.39 24.62
C HIS B 32 23.54 -6.49 24.27
N PRO B 33 23.12 -7.50 23.49
CA PRO B 33 21.83 -7.64 22.80
C PRO B 33 20.66 -7.98 23.70
N SER B 34 19.49 -8.21 23.09
CA SER B 34 18.24 -8.40 23.83
C SER B 34 18.08 -9.78 24.47
N ASP B 35 18.67 -10.80 23.88
CA ASP B 35 18.64 -12.16 24.44
C ASP B 35 19.24 -12.17 25.84
N ILE B 36 18.48 -12.67 26.82
CA ILE B 36 18.91 -12.61 28.22
C ILE B 36 18.25 -13.70 29.06
N GLU B 37 18.93 -14.15 30.10
CA GLU B 37 18.38 -15.16 31.01
C GLU B 37 18.08 -14.55 32.38
N VAL B 38 16.81 -14.56 32.74
CA VAL B 38 16.39 -13.98 34.01
C VAL B 38 15.54 -14.97 34.79
N ASP B 39 16.03 -15.38 35.95
CA ASP B 39 15.26 -16.23 36.85
C ASP B 39 14.97 -15.53 38.16
N LEU B 40 13.78 -15.80 38.70
CA LEU B 40 13.46 -15.38 40.06
C LEU B 40 13.58 -16.56 41.01
N LEU B 41 14.15 -16.31 42.19
CA LEU B 41 14.47 -17.38 43.13
C LEU B 41 13.74 -17.26 44.46
N LYS B 42 13.25 -18.39 44.96
CA LYS B 42 12.69 -18.47 46.29
C LYS B 42 13.53 -19.45 47.08
N ASN B 43 14.23 -18.94 48.10
CA ASN B 43 15.22 -19.72 48.84
C ASN B 43 16.16 -20.50 47.89
N GLY B 44 16.57 -19.84 46.83
CA GLY B 44 17.54 -20.41 45.88
C GLY B 44 16.95 -21.29 44.80
N GLU B 45 15.65 -21.58 44.89
CA GLU B 45 14.97 -22.40 43.89
C GLU B 45 14.29 -21.53 42.83
N ARG B 46 14.37 -21.97 41.57
CA ARG B 46 13.75 -21.25 40.45
C ARG B 46 12.22 -21.25 40.57
N ILE B 47 11.61 -20.06 40.48
CA ILE B 47 10.15 -19.93 40.47
C ILE B 47 9.63 -20.12 39.05
N GLU B 48 8.60 -20.94 38.89
CA GLU B 48 8.14 -21.35 37.55
C GLU B 48 7.18 -20.36 36.88
N LYS B 49 6.17 -19.87 37.61
CA LYS B 49 5.21 -18.92 37.05
C LYS B 49 5.83 -17.52 37.06
N VAL B 50 6.55 -17.20 36.00
CA VAL B 50 7.22 -15.90 35.87
C VAL B 50 6.91 -15.31 34.50
N GLU B 51 6.52 -14.05 34.48
CA GLU B 51 6.20 -13.36 33.25
C GLU B 51 7.05 -12.09 33.14
N HIS B 52 7.27 -11.64 31.91
CA HIS B 52 8.01 -10.40 31.65
C HIS B 52 7.27 -9.46 30.75
N SER B 53 7.61 -8.17 30.85
CA SER B 53 7.05 -7.10 30.00
C SER B 53 7.47 -7.27 28.53
N ASP B 54 6.90 -6.47 27.63
CA ASP B 54 7.22 -6.56 26.20
C ASP B 54 8.55 -5.87 25.93
N LEU B 55 9.39 -6.50 25.11
CA LEU B 55 10.73 -5.96 24.87
C LEU B 55 10.67 -4.49 24.42
N SER B 56 11.36 -3.64 25.18
CA SER B 56 11.46 -2.23 24.85
C SER B 56 12.90 -1.75 25.05
N PHE B 57 13.17 -0.47 24.78
CA PHE B 57 14.52 0.06 24.94
C PHE B 57 14.56 1.56 25.26
N SER B 58 15.75 2.05 25.61
CA SER B 58 15.92 3.42 26.09
C SER B 58 16.60 4.32 25.05
N LYS B 59 16.90 5.55 25.46
CA LYS B 59 17.49 6.56 24.59
C LYS B 59 18.79 6.10 23.90
N ASP B 60 19.62 5.35 24.63
CA ASP B 60 20.85 4.80 24.09
C ASP B 60 20.68 3.42 23.44
N TRP B 61 19.45 3.08 23.05
CA TRP B 61 19.12 1.79 22.42
C TRP B 61 19.28 0.55 23.29
N SER B 62 19.73 0.73 24.53
CA SER B 62 19.90 -0.41 25.44
C SER B 62 18.54 -0.91 25.92
N PHE B 63 18.41 -2.23 26.05
CA PHE B 63 17.13 -2.86 26.38
C PHE B 63 16.81 -2.82 27.86
N TYR B 64 15.52 -3.00 28.16
CA TYR B 64 15.07 -3.21 29.52
C TYR B 64 13.86 -4.14 29.50
N LEU B 65 13.74 -4.94 30.55
CA LEU B 65 12.60 -5.83 30.74
C LEU B 65 12.25 -5.81 32.22
N LEU B 66 10.97 -5.98 32.51
CA LEU B 66 10.49 -6.16 33.88
C LEU B 66 9.94 -7.57 34.03
N TYR B 67 10.70 -8.40 34.73
CA TYR B 67 10.26 -9.74 35.10
C TYR B 67 9.50 -9.67 36.42
N TYR B 68 8.38 -10.40 36.51
CA TYR B 68 7.54 -10.34 37.69
C TYR B 68 6.83 -11.64 38.02
N THR B 69 6.42 -11.74 39.29
CA THR B 69 5.60 -12.85 39.76
C THR B 69 4.82 -12.47 41.02
N GLU B 70 3.64 -13.06 41.16
CA GLU B 70 2.86 -12.95 42.37
C GLU B 70 3.61 -13.66 43.47
N PHE B 71 3.67 -13.04 44.64
CA PHE B 71 4.25 -13.69 45.80
C PHE B 71 3.62 -13.15 47.08
N THR B 72 3.68 -13.96 48.13
CA THR B 72 3.27 -13.53 49.45
C THR B 72 4.50 -13.58 50.35
N PRO B 73 5.09 -12.42 50.68
CA PRO B 73 6.29 -12.39 51.51
C PRO B 73 6.04 -12.94 52.92
N THR B 74 7.05 -13.59 53.46
CA THR B 74 7.13 -13.92 54.87
C THR B 74 8.46 -13.34 55.31
N GLU B 75 8.78 -13.36 56.60
CA GLU B 75 10.08 -12.81 57.01
C GLU B 75 11.21 -13.84 57.08
N LYS B 76 10.88 -15.09 56.79
CA LYS B 76 11.89 -16.13 56.68
C LYS B 76 12.36 -16.35 55.24
N ASP B 77 11.43 -16.34 54.29
CA ASP B 77 11.73 -16.64 52.88
C ASP B 77 12.64 -15.61 52.21
N GLU B 78 13.66 -16.09 51.51
CA GLU B 78 14.54 -15.23 50.73
C GLU B 78 14.11 -15.20 49.27
N TYR B 79 14.26 -14.05 48.64
CA TYR B 79 13.97 -13.90 47.24
C TYR B 79 15.10 -13.22 46.50
N ALA B 80 15.39 -13.69 45.29
CA ALA B 80 16.50 -13.16 44.51
C ALA B 80 16.25 -13.22 43.00
N CYS B 81 17.04 -12.46 42.25
CA CYS B 81 17.08 -12.57 40.80
C CYS B 81 18.37 -13.30 40.46
N ARG B 82 18.34 -14.14 39.43
CA ARG B 82 19.58 -14.62 38.80
C ARG B 82 19.58 -14.15 37.35
N VAL B 83 20.56 -13.34 37.00
CA VAL B 83 20.63 -12.77 35.65
C VAL B 83 21.88 -13.26 34.91
N ASN B 84 21.66 -13.81 33.72
CA ASN B 84 22.74 -14.26 32.86
C ASN B 84 22.65 -13.61 31.49
N HIS B 85 23.81 -13.18 30.98
CA HIS B 85 23.91 -12.44 29.72
C HIS B 85 25.22 -12.73 29.06
N VAL B 86 25.26 -12.57 27.74
CA VAL B 86 26.47 -12.80 26.94
C VAL B 86 27.62 -11.85 27.31
N THR B 87 27.32 -10.72 27.94
CA THR B 87 28.35 -9.75 28.35
C THR B 87 28.97 -10.08 29.71
N LEU B 88 28.40 -11.08 30.39
CA LEU B 88 28.84 -11.48 31.73
C LEU B 88 29.63 -12.79 31.67
N SER B 89 30.73 -12.85 32.43
CA SER B 89 31.49 -14.08 32.60
C SER B 89 30.84 -15.01 33.63
N GLN B 90 29.98 -14.44 34.48
CA GLN B 90 29.23 -15.22 35.46
C GLN B 90 27.95 -14.49 35.86
N PRO B 91 26.90 -15.25 36.24
CA PRO B 91 25.64 -14.56 36.48
C PRO B 91 25.69 -13.57 37.65
N LYS B 92 24.84 -12.56 37.59
CA LYS B 92 24.59 -11.69 38.72
C LYS B 92 23.41 -12.26 39.49
N ILE B 93 23.58 -12.38 40.80
CA ILE B 93 22.50 -12.80 41.67
C ILE B 93 22.22 -11.65 42.63
N VAL B 94 21.04 -11.05 42.51
CA VAL B 94 20.65 -9.93 43.36
C VAL B 94 19.48 -10.32 44.24
N LYS B 95 19.71 -10.28 45.55
CA LYS B 95 18.70 -10.65 46.54
C LYS B 95 17.75 -9.49 46.79
N TRP B 96 16.49 -9.83 47.00
CA TRP B 96 15.50 -8.84 47.35
C TRP B 96 15.72 -8.33 48.76
N ASP B 97 15.79 -7.01 48.88
CA ASP B 97 16.04 -6.35 50.16
C ASP B 97 14.85 -5.49 50.58
N ARG B 98 13.95 -6.08 51.37
CA ARG B 98 12.76 -5.40 51.91
C ARG B 98 13.03 -3.96 52.35
N ASP B 99 14.03 -3.82 53.22
CA ASP B 99 14.22 -2.62 54.03
C ASP B 99 15.17 -1.59 53.41
N MET B 100 15.64 -1.90 52.21
CA MET B 100 16.55 -1.02 51.46
C MET B 100 16.00 0.40 51.35
N LYS C 2 -15.07 3.68 6.49
CA LYS C 2 -15.93 3.31 5.31
C LYS C 2 -15.66 4.25 4.13
N GLN C 3 -14.48 4.10 3.52
CA GLN C 3 -14.02 5.02 2.46
C GLN C 3 -14.77 4.86 1.12
N GLU C 4 -15.42 5.93 0.69
CA GLU C 4 -16.12 5.95 -0.60
C GLU C 4 -15.50 6.94 -1.56
N VAL C 5 -15.00 6.44 -2.68
CA VAL C 5 -14.43 7.29 -3.74
C VAL C 5 -15.46 7.47 -4.85
N THR C 6 -15.88 8.71 -5.07
CA THR C 6 -16.83 9.04 -6.12
C THR C 6 -16.18 9.93 -7.19
N GLN C 7 -16.51 9.68 -8.45
CA GLN C 7 -15.94 10.45 -9.54
C GLN C 7 -16.96 11.28 -10.32
N ILE C 8 -16.61 12.55 -10.52
CA ILE C 8 -17.56 13.55 -10.95
C ILE C 8 -17.04 14.26 -12.20
N PRO C 9 -17.80 14.16 -13.32
CA PRO C 9 -19.01 13.35 -13.49
C PRO C 9 -18.66 11.96 -14.02
N ALA C 10 -19.66 11.09 -14.11
CA ALA C 10 -19.44 9.71 -14.55
C ALA C 10 -18.94 9.65 -16.00
N ALA C 11 -19.43 10.56 -16.83
CA ALA C 11 -19.08 10.61 -18.26
C ALA C 11 -19.05 12.05 -18.78
N LEU C 12 -18.32 12.26 -19.87
CA LEU C 12 -18.05 13.60 -20.34
C LEU C 12 -17.74 13.62 -21.84
N SER C 13 -18.59 14.28 -22.61
CA SER C 13 -18.34 14.53 -24.02
C SER C 13 -18.09 16.02 -24.23
N VAL C 14 -16.96 16.35 -24.87
CA VAL C 14 -16.56 17.75 -25.03
C VAL C 14 -15.97 18.07 -26.42
N PRO C 15 -16.10 19.33 -26.88
CA PRO C 15 -15.37 19.72 -28.08
C PRO C 15 -13.87 19.82 -27.82
N GLU C 16 -13.09 19.31 -28.77
CA GLU C 16 -11.64 19.40 -28.73
C GLU C 16 -11.16 20.81 -28.41
N GLY C 17 -10.12 20.90 -27.57
CA GLY C 17 -9.53 22.19 -27.19
C GLY C 17 -10.10 22.78 -25.91
N GLU C 18 -11.12 22.14 -25.36
CA GLU C 18 -11.74 22.58 -24.10
C GLU C 18 -10.82 22.28 -22.90
N ASN C 19 -10.83 23.16 -21.90
CA ASN C 19 -10.12 22.89 -20.63
C ASN C 19 -11.02 22.10 -19.69
N LEU C 20 -10.59 20.89 -19.34
CA LEU C 20 -11.44 19.93 -18.64
C LEU C 20 -11.15 19.78 -17.15
N VAL C 21 -12.23 19.59 -16.40
CA VAL C 21 -12.18 19.37 -14.94
C VAL C 21 -12.72 17.99 -14.63
N LEU C 22 -11.85 17.11 -14.14
CA LEU C 22 -12.24 15.78 -13.71
C LEU C 22 -12.12 15.72 -12.20
N ASN C 23 -13.27 15.58 -11.53
CA ASN C 23 -13.28 15.62 -10.08
C ASN C 23 -13.34 14.25 -9.41
N CYS C 24 -12.76 14.20 -8.23
CA CYS C 24 -12.71 13.00 -7.45
C CYS C 24 -12.86 13.42 -6.00
N SER C 25 -13.74 12.74 -5.29
CA SER C 25 -13.91 13.02 -3.87
C SER C 25 -13.98 11.73 -3.07
N PHE C 26 -13.58 11.84 -1.81
CA PHE C 26 -13.50 10.71 -0.91
C PHE C 26 -14.01 11.14 0.46
N THR C 27 -14.76 10.25 1.10
CA THR C 27 -15.43 10.56 2.37
C THR C 27 -14.49 10.59 3.58
N ASP C 28 -13.37 9.90 3.47
CA ASP C 28 -12.36 9.84 4.54
C ASP C 28 -11.09 10.55 4.10
N SER C 29 -10.68 11.55 4.85
CA SER C 29 -9.56 12.40 4.45
C SER C 29 -8.19 11.92 4.96
N ALA C 30 -8.17 10.84 5.73
CA ALA C 30 -6.90 10.27 6.22
C ALA C 30 -6.15 9.53 5.10
N ILE C 31 -5.75 10.29 4.08
CA ILE C 31 -5.17 9.79 2.84
C ILE C 31 -3.64 9.88 2.85
N TYR C 32 -2.97 8.79 2.44
CA TYR C 32 -1.51 8.81 2.29
C TYR C 32 -1.09 9.51 1.00
N ASN C 33 -1.74 9.12 -0.09
CA ASN C 33 -1.46 9.67 -1.41
C ASN C 33 -2.64 9.40 -2.34
N LEU C 34 -2.60 10.01 -3.52
CA LEU C 34 -3.63 9.84 -4.52
C LEU C 34 -2.95 9.49 -5.83
N GLN C 35 -3.63 8.73 -6.69
CA GLN C 35 -3.08 8.40 -7.99
C GLN C 35 -4.12 8.43 -9.10
N TRP C 36 -3.73 9.01 -10.24
CA TRP C 36 -4.61 9.11 -11.39
C TRP C 36 -4.19 8.19 -12.47
N PHE C 37 -5.17 7.51 -13.05
CA PHE C 37 -4.90 6.52 -14.08
C PHE C 37 -5.73 6.80 -15.31
N ARG C 38 -5.26 6.27 -16.43
CA ARG C 38 -5.97 6.31 -17.68
C ARG C 38 -6.16 4.86 -18.12
N GLN C 39 -7.36 4.56 -18.63
CA GLN C 39 -7.65 3.22 -19.13
C GLN C 39 -8.28 3.29 -20.52
N ASP C 40 -7.76 2.48 -21.45
CA ASP C 40 -8.28 2.42 -22.80
C ASP C 40 -8.88 1.05 -23.08
N PRO C 41 -10.12 1.00 -23.63
CA PRO C 41 -10.98 -0.20 -23.70
C PRO C 41 -10.24 -1.51 -23.98
N GLY C 42 -10.57 -2.54 -23.19
CA GLY C 42 -9.92 -3.85 -23.29
C GLY C 42 -8.51 -3.90 -22.74
N LYS C 43 -7.91 -2.74 -22.53
CA LYS C 43 -6.52 -2.63 -22.05
C LYS C 43 -6.44 -2.37 -20.55
N GLY C 44 -5.21 -2.29 -20.03
CA GLY C 44 -4.94 -2.05 -18.63
C GLY C 44 -4.79 -0.57 -18.31
N LEU C 45 -4.20 -0.30 -17.15
CA LEU C 45 -4.13 1.05 -16.58
C LEU C 45 -2.77 1.71 -16.78
N THR C 46 -2.80 2.93 -17.32
CA THR C 46 -1.61 3.76 -17.46
C THR C 46 -1.58 4.77 -16.33
N SER C 47 -0.45 4.83 -15.62
CA SER C 47 -0.29 5.76 -14.52
C SER C 47 -0.01 7.17 -15.02
N LEU C 48 -0.80 8.13 -14.55
CA LEU C 48 -0.71 9.50 -15.03
C LEU C 48 -0.05 10.42 -14.03
N LEU C 49 -0.61 10.50 -12.82
CA LEU C 49 -0.08 11.39 -11.81
C LEU C 49 -0.19 10.76 -10.44
N LEU C 50 0.79 11.05 -9.59
CA LEU C 50 0.76 10.65 -8.19
C LEU C 50 0.94 11.91 -7.34
N ILE C 51 0.07 12.09 -6.35
CA ILE C 51 0.19 13.21 -5.42
C ILE C 51 0.31 12.66 -4.00
N GLN C 52 1.39 13.02 -3.32
CA GLN C 52 1.57 12.65 -1.92
C GLN C 52 0.80 13.57 -0.98
N SER C 53 0.53 13.04 0.21
CA SER C 53 -0.16 13.75 1.29
C SER C 53 0.37 15.17 1.51
N SER C 54 1.69 15.31 1.52
CA SER C 54 2.34 16.61 1.71
C SER C 54 2.08 17.56 0.53
N GLN C 55 2.30 17.08 -0.68
CA GLN C 55 2.13 17.86 -1.91
C GLN C 55 0.69 18.38 -2.09
N ARG C 56 0.58 19.50 -2.79
CA ARG C 56 -0.72 20.13 -3.03
C ARG C 56 -1.17 19.97 -4.49
N GLU C 57 -0.20 20.00 -5.40
CA GLU C 57 -0.47 19.82 -6.81
C GLU C 57 0.66 19.04 -7.48
N GLN C 58 0.41 18.62 -8.72
CA GLN C 58 1.39 17.92 -9.54
C GLN C 58 1.00 18.14 -10.98
N THR C 59 1.99 18.28 -11.87
CA THR C 59 1.72 18.54 -13.28
C THR C 59 2.57 17.68 -14.21
N SER C 60 1.97 17.21 -15.30
CA SER C 60 2.70 16.56 -16.40
C SER C 60 2.12 16.99 -17.75
N GLY C 61 2.80 17.92 -18.41
CA GLY C 61 2.32 18.52 -19.65
C GLY C 61 0.98 19.20 -19.45
N ARG C 62 -0.03 18.75 -20.19
CA ARG C 62 -1.36 19.37 -20.14
C ARG C 62 -2.19 18.85 -18.97
N LEU C 63 -1.60 17.99 -18.15
CA LEU C 63 -2.27 17.45 -16.97
C LEU C 63 -1.81 18.18 -15.72
N ASN C 64 -2.77 18.66 -14.95
CA ASN C 64 -2.49 19.14 -13.61
C ASN C 64 -3.48 18.51 -12.64
N ALA C 65 -2.96 17.89 -11.59
CA ALA C 65 -3.80 17.36 -10.53
C ALA C 65 -3.58 18.17 -9.27
N SER C 66 -4.67 18.60 -8.65
CA SER C 66 -4.62 19.22 -7.33
C SER C 66 -5.26 18.30 -6.28
N LEU C 67 -4.94 18.58 -5.03
CA LEU C 67 -5.40 17.76 -3.91
C LEU C 67 -5.65 18.62 -2.69
N ASP C 68 -6.82 18.42 -2.08
CA ASP C 68 -7.22 19.10 -0.86
C ASP C 68 -7.71 18.05 0.12
N LYS C 69 -6.85 17.68 1.07
CA LYS C 69 -7.18 16.62 2.03
C LYS C 69 -8.34 16.97 2.95
N SER C 70 -8.34 18.20 3.46
CA SER C 70 -9.43 18.71 4.31
C SER C 70 -10.78 18.63 3.59
N SER C 71 -10.80 19.08 2.33
CA SER C 71 -12.03 19.05 1.52
C SER C 71 -12.45 17.63 1.17
N GLY C 72 -11.49 16.71 1.14
CA GLY C 72 -11.71 15.37 0.64
C GLY C 72 -11.82 15.35 -0.88
N ARG C 73 -11.12 16.29 -1.52
CA ARG C 73 -11.29 16.55 -2.95
C ARG C 73 -10.00 16.54 -3.74
N SER C 74 -10.09 16.02 -4.96
CA SER C 74 -8.98 16.07 -5.92
C SER C 74 -9.54 16.36 -7.30
N THR C 75 -8.88 17.26 -8.01
CA THR C 75 -9.27 17.60 -9.36
C THR C 75 -8.13 17.27 -10.30
N LEU C 76 -8.49 16.72 -11.46
CA LEU C 76 -7.56 16.58 -12.55
C LEU C 76 -8.01 17.56 -13.64
N TYR C 77 -7.11 18.45 -14.01
CA TYR C 77 -7.33 19.40 -15.09
C TYR C 77 -6.68 18.83 -16.32
N ILE C 78 -7.42 18.85 -17.42
CA ILE C 78 -6.81 18.55 -18.70
C ILE C 78 -6.91 19.78 -19.58
N ALA C 79 -5.76 20.39 -19.88
CA ALA C 79 -5.71 21.53 -20.76
C ALA C 79 -5.79 21.07 -22.20
N ALA C 80 -6.46 21.89 -23.02
CA ALA C 80 -6.44 21.75 -24.48
C ALA C 80 -6.78 20.32 -24.90
N SER C 81 -7.90 19.81 -24.38
CA SER C 81 -8.31 18.43 -24.63
C SER C 81 -8.27 18.07 -26.11
N GLN C 82 -7.62 16.95 -26.39
CA GLN C 82 -7.42 16.42 -27.73
C GLN C 82 -8.23 15.15 -27.87
N PRO C 83 -8.68 14.82 -29.10
CA PRO C 83 -9.41 13.57 -29.28
C PRO C 83 -8.66 12.36 -28.74
N GLY C 84 -7.32 12.44 -28.70
CA GLY C 84 -6.46 11.38 -28.17
C GLY C 84 -6.56 11.15 -26.65
N ASP C 85 -7.16 12.10 -25.94
CA ASP C 85 -7.37 11.98 -24.50
C ASP C 85 -8.54 11.08 -24.17
N SER C 86 -9.28 10.68 -25.21
CA SER C 86 -10.45 9.86 -25.03
C SER C 86 -10.08 8.55 -24.33
N ALA C 87 -10.66 8.35 -23.15
CA ALA C 87 -10.33 7.26 -22.26
C ALA C 87 -11.19 7.32 -21.00
N THR C 88 -11.06 6.29 -20.17
CA THR C 88 -11.66 6.30 -18.86
C THR C 88 -10.60 6.74 -17.86
N TYR C 89 -10.93 7.74 -17.04
CA TYR C 89 -9.99 8.27 -16.08
C TYR C 89 -10.33 7.82 -14.66
N LEU C 90 -9.37 7.14 -14.05
CA LEU C 90 -9.57 6.53 -12.72
C LEU C 90 -8.83 7.26 -11.61
N CYS C 91 -9.59 7.60 -10.58
CA CYS C 91 -9.06 8.18 -9.36
C CYS C 91 -8.86 7.07 -8.32
N ALA C 92 -7.69 7.03 -7.69
CA ALA C 92 -7.45 6.08 -6.61
C ALA C 92 -6.73 6.70 -5.40
N VAL C 93 -7.11 6.27 -4.21
CA VAL C 93 -6.48 6.75 -3.00
C VAL C 93 -5.90 5.61 -2.15
N ARG C 94 -4.77 5.90 -1.52
CA ARG C 94 -4.24 5.07 -0.45
C ARG C 94 -4.55 5.72 0.90
N MET C 95 -5.06 4.93 1.84
CA MET C 95 -5.27 5.36 3.22
C MET C 95 -3.95 5.36 3.97
N ASP C 96 -3.80 6.27 4.93
CA ASP C 96 -2.73 6.19 5.93
C ASP C 96 -2.70 4.81 6.57
N SER C 97 -3.86 4.17 6.64
CA SER C 97 -4.03 2.92 7.41
C SER C 97 -3.87 1.62 6.62
N SER C 98 -3.52 1.69 5.35
CA SER C 98 -3.50 0.49 4.50
C SER C 98 -2.65 0.69 3.25
N TYR C 99 -2.17 -0.42 2.66
CA TYR C 99 -1.28 -0.34 1.49
C TYR C 99 -1.98 -0.36 0.14
N LYS C 100 -3.17 -0.96 0.09
CA LYS C 100 -3.93 -1.06 -1.16
C LYS C 100 -4.36 0.30 -1.71
N LEU C 101 -4.61 0.37 -3.00
CA LEU C 101 -5.30 1.53 -3.59
C LEU C 101 -6.79 1.26 -3.62
N ILE C 102 -7.59 2.31 -3.37
CA ILE C 102 -9.05 2.22 -3.45
C ILE C 102 -9.53 3.08 -4.59
N PHE C 103 -10.20 2.45 -5.56
CA PHE C 103 -10.54 3.11 -6.82
C PHE C 103 -11.93 3.71 -6.84
N GLY C 104 -12.06 4.79 -7.60
CA GLY C 104 -13.38 5.25 -8.04
C GLY C 104 -13.85 4.39 -9.20
N SER C 105 -15.04 4.71 -9.71
CA SER C 105 -15.61 4.02 -10.86
C SER C 105 -15.13 4.61 -12.19
N GLY C 106 -14.52 5.80 -12.11
CA GLY C 106 -13.99 6.45 -13.29
C GLY C 106 -14.90 7.50 -13.90
N THR C 107 -14.28 8.44 -14.60
CA THR C 107 -14.99 9.31 -15.52
C THR C 107 -14.69 8.87 -16.94
N ARG C 108 -15.73 8.49 -17.67
CA ARG C 108 -15.58 8.15 -19.09
C ARG C 108 -15.52 9.44 -19.92
N LEU C 109 -14.39 9.67 -20.57
CA LEU C 109 -14.20 10.90 -21.34
C LEU C 109 -14.11 10.70 -22.85
N LEU C 110 -14.91 11.49 -23.57
CA LEU C 110 -14.86 11.58 -25.00
C LEU C 110 -14.57 13.02 -25.41
N VAL C 111 -13.48 13.21 -26.14
CA VAL C 111 -13.15 14.51 -26.71
C VAL C 111 -13.43 14.47 -28.22
N ARG C 112 -14.48 15.17 -28.64
CA ARG C 112 -14.93 15.13 -30.03
C ARG C 112 -14.02 15.97 -30.93
N PRO C 113 -13.62 15.41 -32.08
CA PRO C 113 -12.75 16.15 -33.01
C PRO C 113 -13.47 17.32 -33.64
N ASP C 114 -12.75 18.41 -33.85
CA ASP C 114 -13.29 19.55 -34.56
C ASP C 114 -13.11 19.32 -36.07
N ILE C 115 -14.19 18.95 -36.74
CA ILE C 115 -14.14 18.66 -38.18
C ILE C 115 -14.16 19.97 -38.97
N GLN C 116 -13.04 20.26 -39.63
CA GLN C 116 -12.89 21.54 -40.33
C GLN C 116 -13.80 21.63 -41.53
N ASN C 117 -13.82 20.59 -42.36
CA ASN C 117 -14.62 20.63 -43.57
C ASN C 117 -15.57 19.44 -43.71
N PRO C 118 -16.70 19.49 -42.98
CA PRO C 118 -17.68 18.41 -42.97
C PRO C 118 -18.14 18.10 -44.39
N ASP C 119 -18.23 16.82 -44.72
CA ASP C 119 -18.69 16.40 -46.03
C ASP C 119 -19.45 15.06 -45.93
N PRO C 120 -20.59 15.07 -45.23
CA PRO C 120 -21.29 13.80 -45.00
C PRO C 120 -21.61 13.10 -46.32
N ALA C 121 -21.20 11.83 -46.43
CA ALA C 121 -21.47 11.02 -47.61
C ALA C 121 -21.52 9.55 -47.23
N VAL C 122 -22.39 8.81 -47.93
CA VAL C 122 -22.46 7.37 -47.79
C VAL C 122 -21.79 6.77 -49.03
N TYR C 123 -21.03 5.69 -48.82
CA TYR C 123 -20.36 5.00 -49.90
C TYR C 123 -20.58 3.48 -49.82
N GLN C 124 -20.58 2.82 -50.97
CA GLN C 124 -20.66 1.36 -50.99
C GLN C 124 -19.29 0.80 -51.38
N LEU C 125 -18.83 -0.17 -50.57
CA LEU C 125 -17.51 -0.78 -50.74
C LEU C 125 -17.67 -2.25 -50.99
N ARG C 126 -17.00 -2.75 -52.02
CA ARG C 126 -17.09 -4.16 -52.39
C ARG C 126 -15.96 -5.00 -51.79
N ASP C 127 -16.27 -6.25 -51.50
CA ASP C 127 -15.32 -7.25 -51.00
C ASP C 127 -14.16 -7.41 -51.99
N SER C 128 -12.95 -7.47 -51.46
CA SER C 128 -11.75 -7.65 -52.28
C SER C 128 -11.71 -9.04 -52.94
N LYS C 129 -12.39 -10.01 -52.35
CA LYS C 129 -12.40 -11.39 -52.87
C LYS C 129 -13.69 -11.78 -53.57
N SER C 130 -14.79 -11.14 -53.19
CA SER C 130 -16.09 -11.42 -53.81
C SER C 130 -16.78 -10.14 -54.26
N SER C 131 -17.08 -10.05 -55.55
CA SER C 131 -17.87 -8.94 -56.10
C SER C 131 -19.28 -8.88 -55.49
N ASP C 132 -19.73 -10.01 -54.96
CA ASP C 132 -21.06 -10.16 -54.36
C ASP C 132 -21.25 -9.40 -53.04
N LYS C 133 -20.27 -9.50 -52.14
CA LYS C 133 -20.37 -8.93 -50.79
C LYS C 133 -19.96 -7.46 -50.74
N SER C 134 -20.72 -6.67 -49.98
CA SER C 134 -20.44 -5.25 -49.83
C SER C 134 -20.84 -4.70 -48.47
N VAL C 135 -20.19 -3.61 -48.07
CA VAL C 135 -20.55 -2.87 -46.87
C VAL C 135 -20.85 -1.41 -47.20
N CYS C 136 -21.54 -0.73 -46.29
CA CYS C 136 -21.83 0.70 -46.44
C CYS C 136 -20.92 1.49 -45.51
N LEU C 137 -20.39 2.60 -45.99
CA LEU C 137 -19.60 3.51 -45.17
C LEU C 137 -20.22 4.89 -45.07
N PHE C 138 -20.54 5.29 -43.84
CA PHE C 138 -20.98 6.65 -43.56
C PHE C 138 -19.78 7.39 -42.98
N THR C 139 -19.30 8.38 -43.71
CA THR C 139 -18.10 9.11 -43.30
C THR C 139 -18.16 10.61 -43.54
N ASP C 140 -17.26 11.32 -42.86
CA ASP C 140 -16.99 12.75 -43.05
C ASP C 140 -18.08 13.68 -42.53
N PHE C 141 -18.89 13.18 -41.61
CA PHE C 141 -19.86 14.02 -40.92
C PHE C 141 -19.20 14.73 -39.74
N ASP C 142 -19.74 15.88 -39.34
CA ASP C 142 -19.20 16.57 -38.17
C ASP C 142 -19.50 15.80 -36.88
N SER C 143 -18.72 16.10 -35.84
CA SER C 143 -18.75 15.34 -34.59
C SER C 143 -20.08 15.40 -33.83
N GLN C 144 -20.94 16.35 -34.20
CA GLN C 144 -22.21 16.51 -33.53
C GLN C 144 -23.27 15.55 -34.10
N THR C 145 -23.05 15.10 -35.33
CA THR C 145 -23.88 14.06 -35.95
C THR C 145 -23.71 12.75 -35.18
N ASN C 146 -24.83 12.19 -34.75
CA ASN C 146 -24.82 10.89 -34.06
C ASN C 146 -25.45 9.81 -34.91
N VAL C 147 -24.83 8.64 -34.89
CA VAL C 147 -25.34 7.48 -35.60
C VAL C 147 -26.24 6.73 -34.62
N SER C 148 -27.37 6.24 -35.08
CA SER C 148 -28.29 5.47 -34.25
C SER C 148 -28.11 3.97 -34.44
N GLN C 149 -28.30 3.23 -33.35
CA GLN C 149 -28.24 1.76 -33.35
C GLN C 149 -29.26 1.18 -34.33
N SER C 150 -29.06 -0.07 -34.75
CA SER C 150 -30.03 -0.71 -35.62
C SER C 150 -31.24 -1.20 -34.85
N LYS C 151 -32.40 -1.15 -35.49
CA LYS C 151 -33.63 -1.71 -34.94
C LYS C 151 -34.15 -2.82 -35.85
N ASP C 152 -33.54 -2.94 -37.03
CA ASP C 152 -33.81 -4.05 -37.96
C ASP C 152 -32.89 -5.22 -37.63
N SER C 153 -33.46 -6.43 -37.59
CA SER C 153 -32.75 -7.65 -37.24
C SER C 153 -31.64 -8.04 -38.23
N ASP C 154 -31.83 -7.66 -39.51
CA ASP C 154 -30.91 -8.08 -40.56
C ASP C 154 -29.89 -7.01 -40.99
N VAL C 155 -30.02 -5.81 -40.43
CA VAL C 155 -29.10 -4.72 -40.74
C VAL C 155 -28.28 -4.36 -39.51
N TYR C 156 -26.96 -4.27 -39.68
CA TYR C 156 -26.03 -3.95 -38.58
C TYR C 156 -25.36 -2.61 -38.79
N ILE C 157 -25.40 -1.76 -37.77
CA ILE C 157 -24.80 -0.43 -37.83
C ILE C 157 -23.94 -0.18 -36.59
N THR C 158 -22.64 0.03 -36.79
CA THR C 158 -21.71 0.27 -35.70
C THR C 158 -21.89 1.68 -35.15
N ASP C 159 -21.32 1.95 -33.98
CA ASP C 159 -21.22 3.31 -33.49
C ASP C 159 -20.17 4.04 -34.35
N LYS C 160 -20.14 5.37 -34.26
CA LYS C 160 -19.13 6.17 -34.94
C LYS C 160 -17.77 5.98 -34.28
N CYS C 161 -16.73 6.34 -35.02
CA CYS C 161 -15.36 6.16 -34.56
C CYS C 161 -14.46 7.16 -35.31
N VAL C 162 -13.47 7.73 -34.60
CA VAL C 162 -12.59 8.76 -35.15
C VAL C 162 -11.27 8.17 -35.63
N LEU C 163 -10.89 8.43 -36.87
CA LEU C 163 -9.53 8.15 -37.33
C LEU C 163 -8.73 9.43 -37.50
N ASP C 164 -7.43 9.30 -37.26
CA ASP C 164 -6.51 10.42 -37.36
C ASP C 164 -5.38 10.00 -38.30
N MET C 165 -5.41 10.52 -39.53
CA MET C 165 -4.33 10.34 -40.50
C MET C 165 -3.27 11.36 -40.16
N ARG C 166 -2.26 10.91 -39.39
CA ARG C 166 -1.37 11.84 -38.70
C ARG C 166 -0.48 12.68 -39.61
N SER C 167 0.05 12.07 -40.66
CA SER C 167 0.89 12.79 -41.62
C SER C 167 0.10 13.88 -42.36
N MET C 168 -1.21 13.71 -42.50
CA MET C 168 -2.05 14.70 -43.17
C MET C 168 -2.79 15.61 -42.20
N ASP C 169 -2.59 15.38 -40.90
CA ASP C 169 -3.27 16.13 -39.84
C ASP C 169 -4.77 16.19 -40.09
N PHE C 170 -5.36 15.02 -40.29
CA PHE C 170 -6.73 14.92 -40.77
C PHE C 170 -7.48 13.91 -39.93
N LYS C 171 -8.55 14.37 -39.31
CA LYS C 171 -9.39 13.50 -38.51
C LYS C 171 -10.76 13.39 -39.17
N SER C 172 -11.35 12.20 -39.16
CA SER C 172 -12.71 12.05 -39.68
C SER C 172 -13.52 10.99 -38.92
N ASN C 173 -14.82 11.23 -38.87
CA ASN C 173 -15.78 10.33 -38.27
C ASN C 173 -16.30 9.32 -39.30
N SER C 174 -16.62 8.11 -38.83
CA SER C 174 -17.25 7.12 -39.68
C SER C 174 -18.06 6.10 -38.89
N ALA C 175 -19.06 5.53 -39.56
CA ALA C 175 -19.76 4.35 -39.08
C ALA C 175 -19.99 3.43 -40.26
N VAL C 176 -20.20 2.16 -39.97
CA VAL C 176 -20.26 1.12 -40.98
C VAL C 176 -21.59 0.39 -40.86
N ALA C 177 -22.16 0.01 -42.00
CA ALA C 177 -23.43 -0.72 -42.02
C ALA C 177 -23.39 -1.83 -43.05
N TRP C 178 -24.07 -2.93 -42.77
CA TRP C 178 -24.10 -4.06 -43.69
C TRP C 178 -25.25 -4.99 -43.48
N SER C 179 -25.54 -5.78 -44.50
CA SER C 179 -26.62 -6.75 -44.47
C SER C 179 -26.23 -7.97 -45.30
N ASN C 180 -26.94 -9.07 -45.07
CA ASN C 180 -26.89 -10.21 -45.99
C ASN C 180 -28.15 -10.26 -46.84
N LYS C 181 -29.14 -9.44 -46.46
CA LYS C 181 -30.41 -9.32 -47.17
C LYS C 181 -30.29 -8.78 -48.59
N SER C 182 -31.21 -9.22 -49.45
CA SER C 182 -31.19 -8.89 -50.88
C SER C 182 -31.89 -7.56 -51.24
N ASP C 183 -32.66 -7.02 -50.30
CA ASP C 183 -33.24 -5.68 -50.47
C ASP C 183 -32.35 -4.60 -49.83
N PHE C 184 -31.05 -4.88 -49.78
CA PHE C 184 -30.03 -3.97 -49.24
C PHE C 184 -29.96 -2.65 -50.00
N ALA C 185 -29.81 -1.54 -49.27
CA ALA C 185 -29.65 -0.22 -49.89
C ALA C 185 -28.92 0.73 -48.96
N CYS C 186 -27.72 1.14 -49.36
CA CYS C 186 -26.85 1.99 -48.53
C CYS C 186 -27.43 3.38 -48.31
N ALA C 187 -28.09 3.91 -49.34
CA ALA C 187 -28.67 5.25 -49.30
C ALA C 187 -29.53 5.46 -48.05
N ASN C 188 -30.57 4.64 -47.89
CA ASN C 188 -31.46 4.74 -46.73
C ASN C 188 -31.02 3.92 -45.52
N ALA C 189 -29.93 3.16 -45.68
CA ALA C 189 -29.30 2.47 -44.54
C ALA C 189 -28.78 3.48 -43.53
N PHE C 190 -28.49 4.69 -44.00
CA PHE C 190 -28.08 5.80 -43.15
C PHE C 190 -29.02 7.02 -43.21
N ASN C 191 -30.25 6.77 -43.67
CA ASN C 191 -31.31 7.78 -43.52
C ASN C 191 -31.91 7.69 -42.12
N ASN C 192 -31.14 7.13 -41.19
CA ASN C 192 -31.52 7.05 -39.79
C ASN C 192 -30.44 7.69 -38.90
N SER C 193 -29.88 8.82 -39.36
CA SER C 193 -28.81 9.54 -38.65
C SER C 193 -28.75 11.00 -39.09
N ILE C 194 -28.87 11.94 -38.15
CA ILE C 194 -28.90 13.38 -38.48
C ILE C 194 -28.06 14.26 -37.53
N ILE C 195 -27.79 15.49 -37.98
CA ILE C 195 -27.16 16.53 -37.17
C ILE C 195 -28.11 16.99 -36.06
N THR D 3 10.35 -4.06 -19.68
CA THR D 3 10.34 -2.79 -18.90
C THR D 3 9.29 -2.83 -17.78
N GLY D 4 8.01 -2.85 -18.18
CA GLY D 4 6.89 -2.75 -17.24
C GLY D 4 6.35 -4.08 -16.74
N VAL D 5 5.13 -4.03 -16.20
CA VAL D 5 4.51 -5.22 -15.61
C VAL D 5 3.95 -6.13 -16.71
N SER D 6 4.23 -7.41 -16.57
CA SER D 6 3.90 -8.41 -17.58
C SER D 6 2.97 -9.49 -17.02
N GLN D 7 1.80 -9.62 -17.65
CA GLN D 7 0.77 -10.57 -17.21
C GLN D 7 0.47 -11.61 -18.28
N ASN D 8 0.31 -12.87 -17.85
CA ASN D 8 0.00 -13.98 -18.75
C ASN D 8 -0.99 -14.95 -18.11
N PRO D 9 -1.94 -15.50 -18.91
CA PRO D 9 -2.18 -15.16 -20.32
C PRO D 9 -2.99 -13.88 -20.43
N ARG D 10 -2.87 -13.17 -21.54
CA ARG D 10 -3.63 -11.93 -21.69
C ARG D 10 -5.12 -12.21 -21.85
N HIS D 11 -5.44 -13.38 -22.40
CA HIS D 11 -6.82 -13.82 -22.56
C HIS D 11 -6.97 -15.24 -22.11
N LYS D 12 -8.09 -15.52 -21.46
CA LYS D 12 -8.43 -16.88 -21.09
C LYS D 12 -9.93 -17.07 -21.16
N ILE D 13 -10.35 -17.99 -22.04
CA ILE D 13 -11.73 -18.43 -22.10
C ILE D 13 -11.77 -19.82 -21.48
N THR D 14 -12.63 -19.99 -20.47
CA THR D 14 -12.75 -21.28 -19.81
C THR D 14 -14.19 -21.73 -19.64
N LYS D 15 -14.33 -22.99 -19.23
CA LYS D 15 -15.63 -23.58 -18.95
C LYS D 15 -15.90 -23.66 -17.45
N ARG D 16 -17.09 -23.23 -17.04
CA ARG D 16 -17.52 -23.31 -15.65
C ARG D 16 -17.16 -24.65 -15.01
N GLY D 17 -16.42 -24.58 -13.91
CA GLY D 17 -16.01 -25.78 -13.19
C GLY D 17 -14.54 -26.09 -13.38
N GLN D 18 -13.93 -25.44 -14.36
CA GLN D 18 -12.51 -25.59 -14.65
C GLN D 18 -11.68 -24.64 -13.76
N ASN D 19 -10.42 -25.00 -13.53
CA ASN D 19 -9.46 -24.16 -12.80
C ASN D 19 -8.60 -23.33 -13.74
N VAL D 20 -8.40 -22.05 -13.42
CA VAL D 20 -7.45 -21.22 -14.17
C VAL D 20 -6.28 -20.72 -13.30
N THR D 21 -5.14 -20.47 -13.96
CA THR D 21 -3.99 -19.85 -13.29
C THR D 21 -3.51 -18.63 -14.07
N PHE D 22 -3.33 -17.51 -13.37
CA PHE D 22 -2.78 -16.30 -13.98
C PHE D 22 -1.41 -15.98 -13.38
N ARG D 23 -0.53 -15.44 -14.22
CA ARG D 23 0.82 -15.07 -13.76
C ARG D 23 1.12 -13.58 -13.94
N CYS D 24 1.89 -13.03 -13.01
CA CYS D 24 2.35 -11.66 -13.09
C CYS D 24 3.85 -11.60 -12.85
N ASP D 25 4.58 -10.93 -13.74
CA ASP D 25 5.99 -10.66 -13.54
C ASP D 25 6.13 -9.16 -13.29
N PRO D 26 6.30 -8.77 -12.02
CA PRO D 26 6.34 -7.35 -11.63
C PRO D 26 7.55 -6.62 -12.22
N ILE D 27 7.57 -5.30 -12.09
CA ILE D 27 8.76 -4.51 -12.45
C ILE D 27 9.91 -4.92 -11.55
N SER D 28 11.08 -5.14 -12.16
CA SER D 28 12.29 -5.64 -11.49
C SER D 28 12.52 -4.98 -10.13
N GLU D 29 12.80 -5.81 -9.13
CA GLU D 29 13.01 -5.39 -7.74
C GLU D 29 11.97 -4.40 -7.17
N HIS D 30 10.78 -4.36 -7.77
CA HIS D 30 9.66 -3.68 -7.14
C HIS D 30 9.26 -4.43 -5.91
N ASN D 31 9.00 -3.65 -4.88
CA ASN D 31 8.83 -4.11 -3.51
C ASN D 31 7.49 -4.81 -3.25
N ARG D 32 6.43 -4.23 -3.79
CA ARG D 32 5.08 -4.72 -3.55
C ARG D 32 4.38 -5.09 -4.82
N LEU D 33 3.58 -6.14 -4.74
CA LEU D 33 2.78 -6.59 -5.85
C LEU D 33 1.30 -6.66 -5.43
N TYR D 34 0.41 -6.15 -6.29
CA TYR D 34 -1.02 -6.08 -5.98
C TYR D 34 -1.87 -6.78 -7.03
N TRP D 35 -2.95 -7.43 -6.57
CA TRP D 35 -3.94 -8.03 -7.45
C TRP D 35 -5.25 -7.31 -7.38
N TYR D 36 -5.84 -7.04 -8.54
CA TYR D 36 -7.17 -6.43 -8.62
C TYR D 36 -8.06 -7.15 -9.60
N ARG D 37 -9.35 -6.87 -9.48
CA ARG D 37 -10.39 -7.44 -10.32
C ARG D 37 -11.27 -6.31 -10.83
N GLN D 38 -11.58 -6.32 -12.13
CA GLN D 38 -12.40 -5.27 -12.70
C GLN D 38 -13.45 -5.82 -13.66
N THR D 39 -14.71 -5.48 -13.41
CA THR D 39 -15.80 -5.82 -14.32
C THR D 39 -16.23 -4.60 -15.14
N LEU D 40 -17.00 -4.85 -16.19
CA LEU D 40 -17.31 -3.86 -17.23
C LEU D 40 -17.87 -2.54 -16.70
N GLY D 41 -17.23 -1.43 -17.10
CA GLY D 41 -17.62 -0.09 -16.69
C GLY D 41 -17.57 0.16 -15.19
N GLN D 42 -16.80 -0.67 -14.47
CA GLN D 42 -16.62 -0.53 -13.03
C GLN D 42 -15.15 -0.27 -12.71
N GLY D 43 -14.88 0.15 -11.48
CA GLY D 43 -13.50 0.37 -11.06
C GLY D 43 -12.85 -0.92 -10.57
N PRO D 44 -11.51 -0.98 -10.63
CA PRO D 44 -10.77 -2.11 -10.07
C PRO D 44 -11.08 -2.34 -8.58
N GLU D 45 -11.28 -3.60 -8.20
CA GLU D 45 -11.55 -3.98 -6.82
C GLU D 45 -10.37 -4.78 -6.29
N PHE D 46 -9.99 -4.51 -5.05
CA PHE D 46 -8.82 -5.13 -4.44
C PHE D 46 -9.03 -6.62 -4.13
N LEU D 47 -8.06 -7.43 -4.53
CA LEU D 47 -8.07 -8.85 -4.23
C LEU D 47 -7.08 -9.20 -3.12
N THR D 48 -5.80 -8.91 -3.33
CA THR D 48 -4.75 -9.24 -2.36
C THR D 48 -3.44 -8.55 -2.71
N TYR D 49 -2.56 -8.39 -1.72
CA TYR D 49 -1.24 -7.82 -1.96
C TYR D 49 -0.10 -8.50 -1.19
N PHE D 50 1.10 -8.37 -1.72
CA PHE D 50 2.32 -8.93 -1.15
C PHE D 50 3.37 -7.84 -0.95
N GLN D 51 4.08 -7.91 0.17
CA GLN D 51 5.36 -7.24 0.30
C GLN D 51 6.39 -8.35 0.32
N ASN D 52 7.35 -8.28 -0.60
CA ASN D 52 8.25 -9.39 -0.89
C ASN D 52 7.41 -10.65 -1.15
N GLU D 53 7.52 -11.65 -0.29
CA GLU D 53 6.74 -12.88 -0.48
C GLU D 53 5.64 -13.02 0.55
N ALA D 54 5.53 -12.03 1.43
CA ALA D 54 4.50 -12.02 2.46
C ALA D 54 3.20 -11.45 1.91
N GLN D 55 2.15 -12.26 1.99
CA GLN D 55 0.81 -11.85 1.57
C GLN D 55 0.14 -11.18 2.76
N LEU D 56 0.20 -9.86 2.82
CA LEU D 56 -0.09 -9.12 4.06
C LEU D 56 -1.52 -8.64 4.25
N GLU D 57 -2.27 -8.53 3.16
CA GLU D 57 -3.68 -8.14 3.23
C GLU D 57 -4.43 -8.74 2.06
N LYS D 58 -5.51 -9.45 2.36
CA LYS D 58 -6.41 -9.98 1.34
C LYS D 58 -7.85 -9.52 1.61
N SER D 59 -8.55 -9.15 0.55
CA SER D 59 -9.95 -8.74 0.61
C SER D 59 -10.78 -9.74 1.42
N ARG D 60 -11.65 -9.24 2.30
CA ARG D 60 -12.46 -10.12 3.16
C ARG D 60 -13.61 -10.77 2.37
N LEU D 61 -13.85 -10.27 1.16
CA LEU D 61 -14.87 -10.83 0.28
C LEU D 61 -14.28 -11.83 -0.71
N LEU D 62 -12.96 -12.03 -0.63
CA LEU D 62 -12.25 -12.95 -1.53
C LEU D 62 -12.78 -14.37 -1.38
N SER D 63 -13.15 -14.98 -2.50
CA SER D 63 -13.70 -16.33 -2.53
C SER D 63 -12.69 -17.38 -2.06
N ASP D 64 -13.20 -18.44 -1.44
CA ASP D 64 -12.39 -19.59 -1.02
C ASP D 64 -11.61 -20.17 -2.20
N ARG D 65 -12.19 -20.03 -3.39
CA ARG D 65 -11.63 -20.59 -4.62
C ARG D 65 -10.46 -19.78 -5.17
N PHE D 66 -10.25 -18.58 -4.63
CA PHE D 66 -9.18 -17.69 -5.04
C PHE D 66 -8.00 -17.80 -4.08
N SER D 67 -6.82 -18.09 -4.63
CA SER D 67 -5.58 -18.05 -3.86
C SER D 67 -4.43 -17.45 -4.68
N ALA D 68 -3.59 -16.69 -4.00
CA ALA D 68 -2.44 -16.07 -4.62
C ALA D 68 -1.17 -16.47 -3.87
N GLU D 69 -0.04 -16.40 -4.55
CA GLU D 69 1.26 -16.59 -3.91
C GLU D 69 2.35 -15.88 -4.71
N ARG D 70 3.45 -15.57 -4.02
CA ARG D 70 4.60 -14.92 -4.61
C ARG D 70 5.80 -15.53 -3.92
N PRO D 71 6.13 -16.79 -4.26
CA PRO D 71 6.98 -17.65 -3.42
C PRO D 71 8.42 -17.15 -3.26
N LYS D 72 8.93 -16.40 -4.23
CA LYS D 72 10.30 -15.89 -4.14
C LYS D 72 10.37 -14.38 -3.95
N GLY D 73 9.23 -13.75 -3.70
CA GLY D 73 9.07 -12.34 -4.06
C GLY D 73 8.94 -12.45 -5.57
N SER D 74 9.33 -11.41 -6.30
CA SER D 74 9.24 -11.45 -7.77
C SER D 74 7.84 -11.90 -8.27
N PHE D 75 7.80 -12.92 -9.14
CA PHE D 75 6.57 -13.31 -9.86
C PHE D 75 5.45 -13.78 -8.94
N SER D 76 4.21 -13.44 -9.30
CA SER D 76 3.06 -13.91 -8.53
C SER D 76 2.05 -14.71 -9.33
N THR D 77 1.35 -15.58 -8.60
CA THR D 77 0.43 -16.52 -9.17
C THR D 77 -0.95 -16.29 -8.55
N LEU D 78 -1.98 -16.25 -9.40
CA LEU D 78 -3.36 -16.22 -8.92
C LEU D 78 -4.14 -17.38 -9.51
N GLU D 79 -4.72 -18.17 -8.62
CA GLU D 79 -5.45 -19.37 -9.00
C GLU D 79 -6.91 -19.28 -8.60
N ILE D 80 -7.78 -19.58 -9.55
CA ILE D 80 -9.19 -19.70 -9.27
C ILE D 80 -9.59 -21.15 -9.46
N GLN D 81 -10.13 -21.75 -8.41
CA GLN D 81 -10.68 -23.10 -8.45
C GLN D 81 -12.12 -23.06 -8.92
N ARG D 82 -12.52 -24.05 -9.73
CA ARG D 82 -13.92 -24.22 -10.16
C ARG D 82 -14.57 -22.88 -10.51
N THR D 83 -14.16 -22.34 -11.66
CA THR D 83 -14.57 -21.03 -12.10
C THR D 83 -16.06 -20.94 -12.33
N GLU D 84 -16.61 -19.76 -12.05
CA GLU D 84 -18.03 -19.50 -12.21
C GLU D 84 -18.17 -18.30 -13.13
N GLN D 85 -19.32 -18.17 -13.76
CA GLN D 85 -19.55 -17.05 -14.66
C GLN D 85 -19.30 -15.71 -13.97
N GLY D 86 -19.52 -15.66 -12.66
CA GLY D 86 -19.27 -14.46 -11.87
C GLY D 86 -17.79 -14.12 -11.72
N ASP D 87 -16.92 -15.10 -11.94
CA ASP D 87 -15.47 -14.86 -11.95
C ASP D 87 -15.05 -14.04 -13.17
N SER D 88 -15.85 -14.10 -14.24
CA SER D 88 -15.55 -13.38 -15.48
C SER D 88 -15.25 -11.91 -15.22
N ALA D 89 -14.02 -11.51 -15.54
CA ALA D 89 -13.54 -10.17 -15.23
C ALA D 89 -12.14 -9.94 -15.79
N MET D 90 -11.67 -8.70 -15.66
CA MET D 90 -10.29 -8.38 -15.99
C MET D 90 -9.48 -8.44 -14.70
N TYR D 91 -8.47 -9.32 -14.68
CA TYR D 91 -7.61 -9.44 -13.52
C TYR D 91 -6.34 -8.63 -13.73
N LEU D 92 -6.12 -7.67 -12.84
CA LEU D 92 -5.06 -6.69 -13.01
C LEU D 92 -3.96 -6.91 -11.99
N CYS D 93 -2.73 -6.94 -12.47
CA CYS D 93 -1.58 -6.98 -11.58
C CYS D 93 -0.82 -5.66 -11.59
N ALA D 94 -0.42 -5.23 -10.40
CA ALA D 94 0.42 -4.03 -10.24
C ALA D 94 1.59 -4.25 -9.29
N SER D 95 2.57 -3.37 -9.37
CA SER D 95 3.71 -3.40 -8.46
C SER D 95 4.11 -1.97 -8.15
N SER D 96 4.65 -1.76 -6.95
CA SER D 96 5.07 -0.43 -6.53
C SER D 96 6.52 -0.40 -6.05
N SER D 97 7.12 0.77 -6.16
CA SER D 97 8.50 0.95 -5.76
C SER D 97 8.60 1.21 -4.25
N TRP D 98 9.81 1.01 -3.73
CA TRP D 98 10.06 1.10 -2.29
C TRP D 98 9.83 2.48 -1.72
N ASP D 99 9.96 3.52 -2.53
CA ASP D 99 9.95 4.91 -2.06
C ASP D 99 8.66 5.67 -2.31
N THR D 100 8.08 5.46 -3.47
CA THR D 100 6.97 6.26 -3.95
C THR D 100 5.62 5.64 -3.58
N GLY D 101 5.53 4.32 -3.70
CA GLY D 101 4.24 3.65 -3.56
C GLY D 101 3.34 3.81 -4.78
N GLU D 102 3.92 4.33 -5.87
CA GLU D 102 3.18 4.48 -7.11
C GLU D 102 2.97 3.10 -7.72
N LEU D 103 1.71 2.78 -8.01
CA LEU D 103 1.37 1.51 -8.62
C LEU D 103 1.48 1.57 -10.13
N PHE D 104 2.12 0.56 -10.71
CA PHE D 104 2.20 0.42 -12.15
C PHE D 104 1.55 -0.90 -12.53
N PHE D 105 0.57 -0.82 -13.44
CA PHE D 105 -0.21 -2.00 -13.81
C PHE D 105 0.26 -2.70 -15.07
N GLY D 106 -0.04 -3.99 -15.16
CA GLY D 106 0.16 -4.76 -16.39
C GLY D 106 -0.97 -4.52 -17.37
N GLU D 107 -0.99 -5.30 -18.45
CA GLU D 107 -2.02 -5.22 -19.49
C GLU D 107 -3.34 -5.79 -18.98
N GLY D 108 -3.25 -6.73 -18.05
CA GLY D 108 -4.43 -7.42 -17.53
C GLY D 108 -4.55 -8.82 -18.10
N SER D 109 -5.21 -9.69 -17.34
CA SER D 109 -5.60 -11.00 -17.83
C SER D 109 -7.12 -11.09 -17.85
N ARG D 110 -7.66 -11.24 -19.05
CA ARG D 110 -9.10 -11.14 -19.25
C ARG D 110 -9.73 -12.52 -19.25
N LEU D 111 -10.57 -12.75 -18.25
CA LEU D 111 -11.21 -14.05 -18.06
C LEU D 111 -12.69 -14.03 -18.48
N THR D 112 -13.05 -15.00 -19.30
CA THR D 112 -14.45 -15.30 -19.57
C THR D 112 -14.73 -16.76 -19.25
N VAL D 113 -15.68 -16.97 -18.33
CA VAL D 113 -16.12 -18.29 -17.96
C VAL D 113 -17.48 -18.55 -18.61
N LEU D 114 -17.53 -19.52 -19.52
CA LEU D 114 -18.77 -19.89 -20.18
C LEU D 114 -19.35 -21.12 -19.50
N GLU D 115 -20.67 -21.27 -19.59
CA GLU D 115 -21.35 -22.44 -19.01
C GLU D 115 -20.80 -23.73 -19.65
N ASP D 116 -20.64 -23.71 -20.96
CA ASP D 116 -19.85 -24.71 -21.66
C ASP D 116 -19.39 -24.08 -22.97
N LEU D 117 -18.75 -24.88 -23.82
CA LEU D 117 -18.03 -24.35 -24.98
C LEU D 117 -18.70 -24.61 -26.34
N LYS D 118 -19.97 -25.02 -26.33
CA LYS D 118 -20.70 -25.35 -27.57
C LYS D 118 -20.64 -24.28 -28.67
N ASN D 119 -20.68 -23.01 -28.25
CA ASN D 119 -20.80 -21.87 -29.16
C ASN D 119 -19.51 -21.11 -29.48
N VAL D 120 -18.38 -21.52 -28.91
CA VAL D 120 -17.10 -20.86 -29.23
C VAL D 120 -16.84 -20.98 -30.72
N PHE D 121 -16.54 -19.84 -31.36
CA PHE D 121 -16.41 -19.76 -32.81
C PHE D 121 -15.42 -18.67 -33.24
N PRO D 122 -14.45 -19.02 -34.12
CA PRO D 122 -13.54 -17.98 -34.64
C PRO D 122 -14.28 -17.05 -35.60
N PRO D 123 -13.72 -15.87 -35.89
CA PRO D 123 -14.40 -14.96 -36.83
C PRO D 123 -14.21 -15.34 -38.30
N GLU D 124 -15.16 -14.93 -39.13
CA GLU D 124 -14.90 -14.79 -40.56
C GLU D 124 -14.47 -13.35 -40.82
N VAL D 125 -13.43 -13.20 -41.64
CA VAL D 125 -12.89 -11.87 -41.89
C VAL D 125 -12.99 -11.53 -43.38
N ALA D 126 -13.34 -10.29 -43.67
CA ALA D 126 -13.32 -9.76 -45.02
C ALA D 126 -12.75 -8.33 -45.05
N VAL D 127 -12.17 -7.97 -46.18
CA VAL D 127 -11.68 -6.62 -46.40
C VAL D 127 -12.39 -5.96 -47.58
N PHE D 128 -12.94 -4.79 -47.35
CA PHE D 128 -13.74 -4.09 -48.35
C PHE D 128 -13.01 -2.88 -48.94
N GLU D 129 -12.92 -2.85 -50.27
CA GLU D 129 -12.06 -1.90 -50.97
C GLU D 129 -12.66 -0.50 -51.04
N PRO D 130 -11.81 0.54 -51.11
CA PRO D 130 -12.28 1.93 -51.23
C PRO D 130 -13.24 2.13 -52.42
N SER D 131 -14.27 2.93 -52.20
CA SER D 131 -15.25 3.23 -53.22
C SER D 131 -14.65 4.20 -54.25
N GLU D 132 -15.07 4.07 -55.51
CA GLU D 132 -14.61 5.00 -56.54
C GLU D 132 -15.11 6.42 -56.27
N ALA D 133 -16.33 6.50 -55.74
CA ALA D 133 -16.97 7.77 -55.41
C ALA D 133 -16.30 8.51 -54.26
N GLU D 134 -15.78 7.78 -53.27
CA GLU D 134 -15.05 8.40 -52.17
C GLU D 134 -13.75 8.99 -52.69
N ILE D 135 -13.04 8.19 -53.47
CA ILE D 135 -11.78 8.59 -54.08
C ILE D 135 -11.95 9.87 -54.90
N SER D 136 -12.94 9.86 -55.79
CA SER D 136 -13.25 10.99 -56.64
C SER D 136 -13.73 12.23 -55.86
N HIS D 137 -14.50 11.99 -54.80
CA HIS D 137 -15.13 13.08 -54.04
C HIS D 137 -14.29 13.68 -52.94
N THR D 138 -13.32 12.91 -52.42
CA THR D 138 -12.52 13.35 -51.27
C THR D 138 -11.01 13.21 -51.46
N GLN D 139 -10.60 12.44 -52.48
CA GLN D 139 -9.18 12.11 -52.69
C GLN D 139 -8.56 11.32 -51.52
N LYS D 140 -9.42 10.69 -50.74
CA LYS D 140 -8.99 9.75 -49.71
C LYS D 140 -9.70 8.42 -49.94
N ALA D 141 -9.13 7.37 -49.37
CA ALA D 141 -9.55 6.01 -49.65
C ALA D 141 -9.64 5.23 -48.37
N THR D 142 -10.86 4.89 -47.97
CA THR D 142 -11.09 4.15 -46.75
C THR D 142 -11.28 2.67 -47.06
N LEU D 143 -10.52 1.82 -46.37
CA LEU D 143 -10.79 0.39 -46.38
C LEU D 143 -11.52 0.03 -45.09
N VAL D 144 -12.49 -0.85 -45.20
CA VAL D 144 -13.20 -1.37 -44.04
C VAL D 144 -12.83 -2.84 -43.88
N CYS D 145 -12.55 -3.24 -42.63
CA CYS D 145 -12.38 -4.64 -42.28
C CYS D 145 -13.56 -5.09 -41.46
N LEU D 146 -14.10 -6.26 -41.78
CA LEU D 146 -15.25 -6.80 -41.07
C LEU D 146 -14.97 -8.21 -40.54
N ALA D 147 -15.11 -8.38 -39.23
CA ALA D 147 -15.00 -9.68 -38.56
C ALA D 147 -16.37 -10.09 -38.03
N THR D 148 -16.84 -11.26 -38.43
CA THR D 148 -18.22 -11.67 -38.14
C THR D 148 -18.31 -13.05 -37.51
N GLY D 149 -19.41 -13.30 -36.79
CA GLY D 149 -19.75 -14.61 -36.27
C GLY D 149 -18.79 -15.25 -35.27
N PHE D 150 -18.08 -14.43 -34.51
CA PHE D 150 -17.25 -14.97 -33.43
C PHE D 150 -18.03 -14.87 -32.11
N TYR D 151 -18.00 -15.94 -31.31
CA TYR D 151 -18.89 -15.95 -30.13
C TYR D 151 -18.29 -15.38 -28.86
N PRO D 152 -17.20 -15.97 -28.34
CA PRO D 152 -16.71 -15.21 -27.21
C PRO D 152 -16.14 -13.93 -27.81
N ASP D 153 -16.23 -12.81 -27.09
CA ASP D 153 -15.93 -11.50 -27.69
C ASP D 153 -14.46 -11.07 -27.65
N HIS D 154 -13.55 -12.02 -27.36
CA HIS D 154 -12.12 -11.69 -27.26
C HIS D 154 -11.45 -11.66 -28.62
N VAL D 155 -11.34 -10.47 -29.20
CA VAL D 155 -10.58 -10.28 -30.45
C VAL D 155 -9.72 -9.02 -30.42
N GLU D 156 -8.57 -9.13 -31.09
CA GLU D 156 -7.72 -7.97 -31.32
C GLU D 156 -7.50 -7.80 -32.83
N LEU D 157 -7.93 -6.65 -33.33
CA LEU D 157 -7.87 -6.32 -34.73
C LEU D 157 -6.69 -5.39 -34.97
N SER D 158 -5.88 -5.71 -35.98
CA SER D 158 -4.79 -4.84 -36.38
C SER D 158 -4.66 -4.76 -37.90
N TRP D 159 -4.08 -3.67 -38.38
CA TRP D 159 -3.88 -3.43 -39.80
C TRP D 159 -2.43 -3.50 -40.13
N TRP D 160 -2.13 -4.07 -41.30
CA TRP D 160 -0.75 -4.19 -41.79
C TRP D 160 -0.64 -3.70 -43.20
N VAL D 161 0.30 -2.80 -43.41
CA VAL D 161 0.48 -2.13 -44.70
C VAL D 161 1.92 -2.39 -45.14
N ASN D 162 2.08 -3.24 -46.15
CA ASN D 162 3.41 -3.65 -46.62
C ASN D 162 4.25 -4.30 -45.52
N GLY D 163 3.61 -5.16 -44.71
CA GLY D 163 4.29 -5.92 -43.67
C GLY D 163 4.62 -5.15 -42.41
N LYS D 164 4.05 -3.95 -42.25
CA LYS D 164 4.24 -3.19 -41.02
C LYS D 164 2.89 -2.80 -40.39
N GLU D 165 2.78 -3.00 -39.08
CA GLU D 165 1.56 -2.63 -38.36
C GLU D 165 1.45 -1.11 -38.33
N VAL D 166 0.27 -0.60 -38.69
CA VAL D 166 0.05 0.85 -38.78
C VAL D 166 -1.02 1.29 -37.80
N HIS D 167 -0.86 2.48 -37.25
CA HIS D 167 -1.87 3.04 -36.36
C HIS D 167 -2.44 4.30 -36.95
N SER D 168 -1.60 5.08 -37.63
CA SER D 168 -2.08 6.26 -38.35
C SER D 168 -3.21 5.91 -39.31
N GLY D 169 -4.32 6.64 -39.22
CA GLY D 169 -5.48 6.43 -40.09
C GLY D 169 -6.40 5.27 -39.71
N VAL D 170 -6.13 4.64 -38.57
CA VAL D 170 -6.91 3.49 -38.12
C VAL D 170 -7.93 3.88 -37.06
N CYS D 171 -9.07 3.21 -37.13
CA CYS D 171 -10.15 3.43 -36.19
C CYS D 171 -11.02 2.18 -36.18
N THR D 172 -11.18 1.61 -34.99
CA THR D 172 -11.88 0.34 -34.80
C THR D 172 -13.03 0.54 -33.81
N ASP D 173 -14.14 -0.18 -34.00
CA ASP D 173 -15.23 -0.13 -33.03
C ASP D 173 -14.67 -0.36 -31.63
N PRO D 174 -15.03 0.54 -30.68
CA PRO D 174 -14.58 0.37 -29.29
C PRO D 174 -15.02 -0.96 -28.68
N GLN D 175 -16.20 -1.42 -29.06
CA GLN D 175 -16.74 -2.71 -28.61
C GLN D 175 -17.27 -3.53 -29.79
N PRO D 176 -17.14 -4.87 -29.71
CA PRO D 176 -17.83 -5.71 -30.68
C PRO D 176 -19.33 -5.63 -30.48
N LEU D 177 -20.10 -5.65 -31.57
CA LEU D 177 -21.55 -5.62 -31.47
C LEU D 177 -22.14 -7.03 -31.53
N LYS D 178 -23.28 -7.22 -30.86
CA LYS D 178 -24.00 -8.49 -30.87
C LYS D 178 -24.77 -8.62 -32.17
N GLU D 179 -24.52 -9.69 -32.91
CA GLU D 179 -25.22 -9.96 -34.17
C GLU D 179 -26.71 -10.25 -33.95
N GLN D 180 -27.03 -10.77 -32.77
CA GLN D 180 -28.41 -11.05 -32.38
C GLN D 180 -28.62 -10.59 -30.93
N PRO D 181 -28.90 -9.30 -30.75
CA PRO D 181 -28.87 -8.64 -29.45
C PRO D 181 -29.87 -9.19 -28.42
N ALA D 182 -30.97 -9.77 -28.91
CA ALA D 182 -31.99 -10.32 -28.01
C ALA D 182 -31.63 -11.69 -27.45
N LEU D 183 -30.49 -12.24 -27.88
CA LEU D 183 -30.06 -13.57 -27.48
C LEU D 183 -28.93 -13.53 -26.47
N ASN D 184 -28.97 -14.48 -25.55
CA ASN D 184 -28.04 -14.54 -24.42
C ASN D 184 -26.65 -15.01 -24.86
N ASP D 185 -26.62 -15.82 -25.92
CA ASP D 185 -25.39 -16.39 -26.47
C ASP D 185 -25.11 -15.91 -27.89
N SER D 186 -25.42 -14.64 -28.16
CA SER D 186 -25.20 -14.04 -29.47
C SER D 186 -23.74 -14.07 -29.89
N ARG D 187 -23.50 -14.28 -31.18
CA ARG D 187 -22.16 -14.13 -31.73
C ARG D 187 -21.93 -12.66 -32.00
N TYR D 188 -20.69 -12.30 -32.28
CA TYR D 188 -20.30 -10.90 -32.39
C TYR D 188 -19.78 -10.51 -33.76
N ALA D 189 -19.82 -9.21 -34.03
CA ALA D 189 -19.18 -8.63 -35.21
C ALA D 189 -18.31 -7.44 -34.81
N LEU D 190 -17.30 -7.13 -35.63
CA LEU D 190 -16.39 -6.01 -35.37
C LEU D 190 -15.88 -5.44 -36.67
N SER D 191 -15.99 -4.11 -36.81
CA SER D 191 -15.49 -3.40 -37.99
C SER D 191 -14.33 -2.49 -37.64
N SER D 192 -13.52 -2.21 -38.65
CA SER D 192 -12.41 -1.30 -38.55
C SER D 192 -12.21 -0.63 -39.89
N ARG D 193 -11.69 0.60 -39.83
CA ARG D 193 -11.41 1.39 -41.00
C ARG D 193 -9.94 1.74 -41.06
N LEU D 194 -9.39 1.69 -42.26
CA LEU D 194 -8.07 2.22 -42.54
C LEU D 194 -8.16 3.15 -43.74
N ARG D 195 -7.85 4.43 -43.51
CA ARG D 195 -7.92 5.44 -44.55
C ARG D 195 -6.53 5.91 -44.97
N VAL D 196 -6.30 5.91 -46.28
CA VAL D 196 -5.06 6.40 -46.89
C VAL D 196 -5.42 7.47 -47.92
N SER D 197 -4.41 8.16 -48.45
CA SER D 197 -4.64 9.07 -49.57
C SER D 197 -4.98 8.23 -50.80
N ALA D 198 -5.74 8.83 -51.71
CA ALA D 198 -6.09 8.19 -52.98
C ALA D 198 -4.87 7.64 -53.71
N THR D 199 -3.80 8.43 -53.74
CA THR D 199 -2.58 8.10 -54.48
C THR D 199 -1.89 6.89 -53.85
N PHE D 200 -2.06 6.73 -52.56
CA PHE D 200 -1.51 5.57 -51.86
C PHE D 200 -2.30 4.31 -52.23
N TRP D 201 -3.62 4.44 -52.33
CA TRP D 201 -4.46 3.33 -52.77
C TRP D 201 -4.29 3.01 -54.23
N GLN D 202 -3.96 4.02 -55.04
CA GLN D 202 -3.84 3.83 -56.48
C GLN D 202 -2.56 3.09 -56.88
N ASN D 203 -1.55 3.12 -56.01
CA ASN D 203 -0.35 2.33 -56.19
C ASN D 203 -0.63 0.84 -55.96
N PRO D 204 -0.48 0.00 -57.00
CA PRO D 204 -0.77 -1.43 -56.90
C PRO D 204 0.31 -2.24 -56.18
N ARG D 205 1.39 -1.58 -55.78
CA ARG D 205 2.43 -2.18 -54.97
C ARG D 205 1.96 -2.33 -53.52
N ASN D 206 1.11 -1.39 -53.08
CA ASN D 206 0.71 -1.32 -51.67
C ASN D 206 -0.27 -2.40 -51.23
N HIS D 207 0.10 -3.08 -50.15
CA HIS D 207 -0.61 -4.26 -49.66
C HIS D 207 -1.20 -4.00 -48.31
N PHE D 208 -2.50 -4.27 -48.20
CA PHE D 208 -3.27 -3.98 -46.98
C PHE D 208 -3.82 -5.26 -46.37
N ARG D 209 -3.35 -5.61 -45.17
CA ARG D 209 -3.82 -6.80 -44.46
C ARG D 209 -4.56 -6.43 -43.17
N CYS D 210 -5.77 -6.96 -43.03
CA CYS D 210 -6.50 -6.85 -41.78
C CYS D 210 -6.27 -8.11 -41.00
N GLN D 211 -5.80 -7.99 -39.77
CA GLN D 211 -5.51 -9.15 -38.96
C GLN D 211 -6.40 -9.20 -37.72
N VAL D 212 -7.14 -10.30 -37.57
CA VAL D 212 -7.96 -10.51 -36.39
C VAL D 212 -7.44 -11.67 -35.55
N GLN D 213 -6.83 -11.33 -34.42
CA GLN D 213 -6.37 -12.30 -33.44
C GLN D 213 -7.56 -12.69 -32.55
N PHE D 214 -7.99 -13.94 -32.68
CA PHE D 214 -9.12 -14.48 -31.91
C PHE D 214 -8.60 -15.36 -30.78
N TYR D 215 -9.21 -15.19 -29.61
CA TYR D 215 -8.89 -16.02 -28.45
C TYR D 215 -10.05 -16.98 -28.20
N GLY D 216 -9.75 -18.27 -28.22
CA GLY D 216 -10.74 -19.31 -28.03
C GLY D 216 -10.15 -20.46 -27.24
N LEU D 217 -10.38 -21.68 -27.69
CA LEU D 217 -9.96 -22.85 -26.94
C LEU D 217 -8.45 -22.99 -26.89
N SER D 218 -7.96 -23.63 -25.82
CA SER D 218 -6.60 -24.15 -25.81
C SER D 218 -6.56 -25.38 -26.71
N GLU D 219 -5.39 -25.66 -27.25
CA GLU D 219 -5.17 -26.80 -28.14
C GLU D 219 -5.51 -28.13 -27.47
N ASN D 220 -5.48 -28.16 -26.13
CA ASN D 220 -5.77 -29.36 -25.35
C ASN D 220 -7.12 -29.42 -24.63
N ASP D 221 -8.03 -28.51 -24.97
CA ASP D 221 -9.42 -28.66 -24.52
C ASP D 221 -10.05 -29.71 -25.41
N GLU D 222 -10.94 -30.52 -24.86
CA GLU D 222 -11.56 -31.58 -25.66
C GLU D 222 -12.55 -30.96 -26.65
N TRP D 223 -12.77 -31.68 -27.74
CA TRP D 223 -13.70 -31.25 -28.76
C TRP D 223 -14.35 -32.44 -29.40
N THR D 224 -15.68 -32.44 -29.43
CA THR D 224 -16.43 -33.58 -29.99
C THR D 224 -17.35 -33.20 -31.16
N GLN D 225 -17.45 -31.91 -31.45
CA GLN D 225 -18.20 -31.46 -32.62
C GLN D 225 -17.43 -31.77 -33.90
N ASP D 226 -18.14 -31.88 -35.02
CA ASP D 226 -17.49 -32.14 -36.30
C ASP D 226 -16.61 -30.97 -36.77
N ARG D 227 -17.14 -29.75 -36.72
CA ARG D 227 -16.37 -28.56 -37.08
C ARG D 227 -15.03 -28.49 -36.35
N ALA D 228 -14.06 -27.85 -37.00
CA ALA D 228 -12.71 -27.68 -36.45
C ALA D 228 -12.73 -27.07 -35.06
N LYS D 229 -11.79 -27.51 -34.21
CA LYS D 229 -11.69 -27.02 -32.85
C LYS D 229 -11.42 -25.51 -32.89
N PRO D 230 -12.35 -24.71 -32.34
CA PRO D 230 -12.27 -23.25 -32.39
C PRO D 230 -11.20 -22.65 -31.48
N VAL D 231 -9.96 -23.09 -31.69
CA VAL D 231 -8.81 -22.66 -30.89
C VAL D 231 -8.48 -21.18 -31.08
N THR D 232 -7.55 -20.68 -30.27
CA THR D 232 -6.97 -19.37 -30.47
C THR D 232 -6.20 -19.38 -31.79
N GLN D 233 -6.44 -18.36 -32.61
CA GLN D 233 -5.88 -18.34 -33.97
C GLN D 233 -5.97 -16.94 -34.55
N ILE D 234 -5.16 -16.69 -35.58
CA ILE D 234 -5.27 -15.45 -36.34
C ILE D 234 -6.09 -15.70 -37.60
N VAL D 235 -7.03 -14.80 -37.89
CA VAL D 235 -7.73 -14.81 -39.18
C VAL D 235 -7.49 -13.48 -39.89
N SER D 236 -7.29 -13.55 -41.20
CA SER D 236 -6.95 -12.36 -41.97
C SER D 236 -7.74 -12.23 -43.25
N ALA D 237 -7.78 -11.00 -43.76
CA ALA D 237 -8.20 -10.71 -45.12
C ALA D 237 -7.31 -9.57 -45.62
N GLU D 238 -7.23 -9.41 -46.93
CA GLU D 238 -6.24 -8.51 -47.52
C GLU D 238 -6.70 -7.94 -48.85
N ALA D 239 -6.03 -6.88 -49.29
CA ALA D 239 -6.35 -6.20 -50.54
C ALA D 239 -5.14 -5.44 -51.09
N TRP D 240 -5.17 -5.18 -52.38
CA TRP D 240 -4.05 -4.56 -53.06
C TRP D 240 -4.55 -3.35 -53.78
N GLY D 241 -3.77 -2.28 -53.71
CA GLY D 241 -4.09 -1.05 -54.42
C GLY D 241 -4.21 -1.24 -55.92
N ARG D 242 -4.80 -0.25 -56.59
CA ARG D 242 -5.00 -0.30 -58.03
C ARG D 242 -5.41 1.03 -58.63
N ALA D 243 -4.80 1.37 -59.77
CA ALA D 243 -5.23 2.50 -60.58
C ALA D 243 -6.42 2.03 -61.41
N ASP D 244 -7.62 2.49 -61.04
CA ASP D 244 -8.85 2.07 -61.72
C ASP D 244 -9.17 3.00 -62.90
N ARG E 1 -1.51 5.09 15.89
CA ARG E 1 -1.63 4.81 14.43
C ARG E 1 -0.23 4.61 13.87
N TYR E 2 0.05 3.39 13.42
CA TYR E 2 1.34 3.04 12.84
C TYR E 2 1.52 3.75 11.50
N PRO E 3 2.75 4.19 11.19
CA PRO E 3 3.02 4.75 9.87
C PRO E 3 3.06 3.65 8.82
N LEU E 4 3.00 4.03 7.55
CA LEU E 4 3.35 3.15 6.45
C LEU E 4 4.88 3.17 6.31
N THR E 5 5.45 2.22 5.56
CA THR E 5 6.91 2.08 5.49
C THR E 5 7.53 2.40 4.12
N PHE E 6 6.80 3.09 3.25
CA PHE E 6 7.38 3.55 1.99
C PHE E 6 8.54 4.50 2.29
N GLY E 7 9.70 4.18 1.71
CA GLY E 7 10.87 5.03 1.84
C GLY E 7 11.85 4.59 2.91
N TRP E 8 11.55 3.45 3.54
CA TRP E 8 12.31 2.95 4.68
C TRP E 8 13.38 1.97 4.31
N CYS E 9 13.63 1.81 3.02
CA CYS E 9 14.57 0.81 2.52
C CYS E 9 16.01 1.33 2.62
N PHE E 10 16.84 0.59 3.35
CA PHE E 10 18.27 0.91 3.56
C PHE E 10 19.08 1.05 2.27
#